data_8URC
#
_entry.id   8URC
#
_cell.length_a   1.00
_cell.length_b   1.00
_cell.length_c   1.00
_cell.angle_alpha   90.00
_cell.angle_beta   90.00
_cell.angle_gamma   90.00
#
_symmetry.space_group_name_H-M   'P 1'
#
loop_
_entity.id
_entity.type
_entity.pdbx_description
1 polymer 'Flavin monooxygenase'
2 non-polymer 'FLAVIN-ADENINE DINUCLEOTIDE'
3 non-polymer '1-CIS-9-OCTADECANOYL-2-CIS-9-HEXADECANOYL PHOSPHATIDYL GLYCEROL'
#
_entity_poly.entity_id   1
_entity_poly.type   'polypeptide(L)'
_entity_poly.pdbx_seq_one_letter_code
;(MSE)GSSHHHHHHSSGENLYFQGH(MSE)EELIKEVQSDVCIVGAGPAG(MSE)LLGLLLAKQGLEVIVLEQNGDFHRE
YRGEITQPRFVQL(MSE)KQLNLLDYIESNSHVKIPEVNVFHNNVKI(MSE)QLAFNTLIDEESYCARLTQPTLLSALLD
KAKKYPNFKLLFNTKVRDLLREDGKVTGVYAVAKPGEQINFTEDEVFEGNLNIKSRVTVGVDGRNST(MSE)EKLGNFEL
ELDYYDNDLLWFSFEKPESWDYNIYHFYFQKNYNYLFLPKLGGYIQCGISLTKGEYQKIKKEGIESFKEKILED(MSE)P
ILKQHFDTVTDFKSFVQLLCR(MSE)RYIKDWAKEEGC(MSE)LIGDAAHCVTPWGAVGSTLA(MSE)GTAVIAADVIYK
GFKNNDLSLETLKQVQSRRKEEVK(MSE)IQNLQLTIEKFLTREPIKKEIAPL(MSE)FSIATK(MSE)PDITNLYKKLF
TREFPLDIDESFIFHDELVEAN
;
_entity_poly.pdbx_strand_id   A,B,C
#
# COMPACT_ATOMS: atom_id res chain seq x y z
N LYS A 27 37.42 54.98 -13.78
CA LYS A 27 37.42 55.79 -15.00
C LYS A 27 36.23 55.45 -15.89
N GLU A 28 36.52 55.22 -17.18
CA GLU A 28 35.48 54.92 -18.17
C GLU A 28 35.94 53.73 -19.00
N VAL A 29 35.30 52.58 -18.80
CA VAL A 29 35.62 51.36 -19.53
C VAL A 29 34.38 50.93 -20.30
N GLN A 30 34.55 50.76 -21.61
CA GLN A 30 33.45 50.41 -22.52
C GLN A 30 33.77 49.10 -23.21
N SER A 31 32.83 48.16 -23.16
CA SER A 31 33.01 46.86 -23.81
C SER A 31 31.64 46.31 -24.20
N ASP A 32 31.58 45.02 -24.46
CA ASP A 32 30.34 44.31 -24.77
C ASP A 32 29.74 43.60 -23.56
N VAL A 33 30.52 42.78 -22.86
CA VAL A 33 30.01 41.93 -21.79
C VAL A 33 30.77 42.22 -20.50
N CYS A 34 30.03 42.42 -19.41
CA CYS A 34 30.59 42.58 -18.07
C CYS A 34 29.97 41.53 -17.17
N ILE A 35 30.80 40.64 -16.64
CA ILE A 35 30.35 39.53 -15.81
C ILE A 35 30.79 39.81 -14.38
N VAL A 36 29.83 40.01 -13.49
CA VAL A 36 30.11 40.20 -12.07
C VAL A 36 30.17 38.83 -11.43
N GLY A 37 31.36 38.42 -11.02
CA GLY A 37 31.56 37.10 -10.47
C GLY A 37 32.42 36.22 -11.35
N ALA A 38 33.49 35.65 -10.78
CA ALA A 38 34.40 34.82 -11.56
C ALA A 38 34.39 33.38 -11.05
N GLY A 39 33.20 32.86 -10.74
CA GLY A 39 33.07 31.48 -10.34
C GLY A 39 33.06 30.57 -11.55
N PRO A 40 32.88 29.26 -11.32
CA PRO A 40 32.94 28.31 -12.44
C PRO A 40 31.98 28.62 -13.57
N ALA A 41 30.76 29.08 -13.26
CA ALA A 41 29.81 29.39 -14.33
C ALA A 41 30.26 30.60 -15.13
N GLY A 42 30.35 31.76 -14.49
CA GLY A 42 30.69 32.97 -15.21
C GLY A 42 32.01 32.87 -15.95
N LEU A 44 33.36 30.31 -17.21
CA LEU A 44 33.11 29.60 -18.45
C LEU A 44 32.53 30.53 -19.50
N LEU A 45 31.43 31.21 -19.15
CA LEU A 45 30.85 32.17 -20.08
C LEU A 45 31.81 33.33 -20.31
N GLY A 46 32.79 33.50 -19.44
CA GLY A 46 33.83 34.50 -19.69
C GLY A 46 34.66 34.17 -20.91
N LEU A 47 35.04 32.90 -21.08
CA LEU A 47 35.91 32.56 -22.20
C LEU A 47 35.15 32.11 -23.43
N LEU A 48 33.95 31.55 -23.26
CA LEU A 48 33.16 31.14 -24.41
C LEU A 48 32.85 32.33 -25.32
N LEU A 49 32.53 33.47 -24.74
CA LEU A 49 32.37 34.69 -25.52
C LEU A 49 33.71 35.28 -25.93
N ALA A 50 34.77 35.03 -25.15
CA ALA A 50 36.06 35.64 -25.44
C ALA A 50 36.60 35.19 -26.79
N LYS A 51 36.43 33.90 -27.12
CA LYS A 51 36.85 33.40 -28.42
C LYS A 51 35.89 33.78 -29.54
N GLN A 52 34.79 34.45 -29.22
CA GLN A 52 33.90 34.93 -30.26
C GLN A 52 34.30 36.33 -30.71
N GLY A 53 35.35 36.89 -30.14
CA GLY A 53 35.81 38.20 -30.51
C GLY A 53 35.15 39.35 -29.76
N LEU A 54 34.21 39.06 -28.88
CA LEU A 54 33.56 40.10 -28.10
C LEU A 54 34.52 40.64 -27.05
N GLU A 55 34.18 41.81 -26.52
CA GLU A 55 34.94 42.44 -25.43
C GLU A 55 34.31 42.06 -24.10
N VAL A 56 35.12 41.49 -23.21
CA VAL A 56 34.64 40.90 -21.97
C VAL A 56 35.49 41.39 -20.81
N ILE A 57 34.84 41.88 -19.75
CA ILE A 57 35.49 42.07 -18.45
C ILE A 57 34.75 41.23 -17.42
N VAL A 58 35.51 40.47 -16.64
CA VAL A 58 34.98 39.70 -15.52
C VAL A 58 35.53 40.31 -14.24
N LEU A 59 34.64 40.70 -13.34
CA LEU A 59 35.02 41.32 -12.07
C LEU A 59 34.77 40.33 -10.94
N GLU A 60 35.74 40.20 -10.05
CA GLU A 60 35.57 39.39 -8.85
C GLU A 60 35.99 40.17 -7.62
N GLN A 61 35.18 40.06 -6.56
CA GLN A 61 35.48 40.79 -5.33
C GLN A 61 36.64 40.15 -4.58
N ASN A 62 36.80 38.83 -4.69
CA ASN A 62 37.86 38.12 -4.00
C ASN A 62 39.21 38.41 -4.62
N GLY A 63 40.29 38.03 -3.93
CA GLY A 63 41.62 38.24 -4.44
C GLY A 63 42.08 37.16 -5.40
N ASP A 64 41.50 35.98 -5.29
CA ASP A 64 41.85 34.84 -6.14
C ASP A 64 40.75 33.79 -6.00
N PHE A 65 41.00 32.60 -6.55
CA PHE A 65 40.06 31.50 -6.49
C PHE A 65 40.21 30.65 -5.23
N HIS A 66 41.22 30.93 -4.40
CA HIS A 66 41.47 30.16 -3.19
C HIS A 66 40.79 30.73 -1.95
N ARG A 67 40.12 31.88 -2.07
CA ARG A 67 39.64 32.57 -0.87
C ARG A 67 38.54 31.78 -0.17
N GLU A 68 37.61 31.20 -0.92
CA GLU A 68 36.42 30.57 -0.34
C GLU A 68 36.29 29.18 -0.92
N TYR A 69 36.08 28.19 -0.06
CA TYR A 69 35.94 26.81 -0.51
C TYR A 69 34.55 26.60 -1.12
N ARG A 70 34.52 26.29 -2.42
CA ARG A 70 33.25 26.17 -3.14
C ARG A 70 32.99 24.76 -3.63
N GLY A 71 33.72 23.78 -3.14
CA GLY A 71 33.46 22.38 -3.44
C GLY A 71 34.54 21.74 -4.29
N GLU A 72 34.45 20.42 -4.39
CA GLU A 72 35.40 19.63 -5.17
C GLU A 72 34.76 18.59 -6.07
N ILE A 73 33.51 18.21 -5.87
CA ILE A 73 32.91 17.05 -6.55
C ILE A 73 32.13 17.53 -7.77
N THR A 74 32.34 16.85 -8.89
CA THR A 74 31.65 17.12 -10.14
C THR A 74 30.75 15.94 -10.50
N GLN A 75 30.15 16.00 -11.68
CA GLN A 75 29.18 15.04 -12.16
C GLN A 75 29.60 14.48 -13.51
N PRO A 76 29.03 13.34 -13.92
CA PRO A 76 29.16 12.93 -15.32
C PRO A 76 28.57 13.93 -16.29
N ARG A 77 27.61 14.74 -15.84
CA ARG A 77 27.10 15.83 -16.66
C ARG A 77 28.20 16.83 -17.00
N PHE A 78 29.09 17.09 -16.03
CA PHE A 78 30.22 17.98 -16.29
C PHE A 78 31.14 17.39 -17.35
N VAL A 79 31.39 16.08 -17.29
CA VAL A 79 32.22 15.43 -18.30
C VAL A 79 31.55 15.51 -19.67
N GLN A 80 30.23 15.30 -19.72
CA GLN A 80 29.51 15.43 -20.98
C GLN A 80 29.65 16.82 -21.55
N LEU A 81 29.51 17.85 -20.70
CA LEU A 81 29.62 19.22 -21.17
C LEU A 81 31.04 19.54 -21.62
N LYS A 83 33.36 17.42 -22.81
CA LYS A 83 33.65 16.75 -24.06
C LYS A 83 32.75 17.19 -25.20
N GLN A 84 31.65 17.89 -24.88
CA GLN A 84 30.86 18.52 -25.94
C GLN A 84 31.59 19.73 -26.52
N LEU A 85 32.29 20.48 -25.68
CA LEU A 85 33.04 21.65 -26.11
C LEU A 85 34.47 21.32 -26.52
N ASN A 86 34.82 20.04 -26.59
CA ASN A 86 36.19 19.60 -26.89
C ASN A 86 37.18 20.15 -25.88
N LEU A 87 36.80 20.12 -24.60
CA LEU A 87 37.65 20.57 -23.52
C LEU A 87 37.98 19.49 -22.50
N LEU A 88 37.46 18.27 -22.68
CA LEU A 88 37.67 17.22 -21.68
C LEU A 88 39.14 16.87 -21.54
N ASP A 89 39.86 16.75 -22.66
CA ASP A 89 41.27 16.39 -22.60
C ASP A 89 42.10 17.49 -21.93
N TYR A 90 41.74 18.75 -22.15
CA TYR A 90 42.48 19.84 -21.54
C TYR A 90 42.27 19.88 -20.03
N ILE A 91 41.01 19.79 -19.59
CA ILE A 91 40.72 19.84 -18.17
C ILE A 91 41.27 18.60 -17.46
N GLU A 92 41.19 17.44 -18.12
CA GLU A 92 41.63 16.20 -17.50
C GLU A 92 43.13 16.10 -17.38
N SER A 93 43.88 16.95 -18.08
CA SER A 93 45.32 17.00 -17.92
C SER A 93 45.73 17.54 -16.55
N ASN A 94 44.79 18.14 -15.81
CA ASN A 94 45.07 18.66 -14.48
C ASN A 94 44.95 17.54 -13.44
N SER A 95 44.96 17.91 -12.17
CA SER A 95 44.85 16.94 -11.09
C SER A 95 43.39 16.70 -10.74
N HIS A 96 42.98 15.44 -10.75
CA HIS A 96 41.61 15.06 -10.45
C HIS A 96 41.60 13.61 -10.00
N VAL A 97 40.53 13.22 -9.33
CA VAL A 97 40.35 11.84 -8.87
C VAL A 97 39.03 11.33 -9.43
N LYS A 98 39.09 10.24 -10.20
CA LYS A 98 37.89 9.71 -10.82
C LYS A 98 37.11 8.87 -9.81
N ILE A 99 35.89 9.29 -9.49
CA ILE A 99 34.99 8.54 -8.63
C ILE A 99 34.09 7.69 -9.53
N PRO A 100 34.21 6.37 -9.49
CA PRO A 100 33.46 5.55 -10.45
C PRO A 100 32.01 5.31 -10.06
N GLU A 101 31.70 5.35 -8.77
CA GLU A 101 30.37 4.97 -8.32
C GLU A 101 30.02 5.70 -7.02
N VAL A 102 28.74 5.66 -6.68
CA VAL A 102 28.21 6.21 -5.44
C VAL A 102 27.51 5.08 -4.69
N ASN A 103 27.81 4.95 -3.40
CA ASN A 103 27.27 3.90 -2.57
C ASN A 103 26.45 4.47 -1.42
N VAL A 104 25.40 3.76 -1.05
CA VAL A 104 24.53 4.12 0.07
C VAL A 104 24.48 2.95 1.03
N PHE A 105 24.69 3.23 2.30
CA PHE A 105 24.70 2.23 3.37
C PHE A 105 23.61 2.55 4.37
N HIS A 106 23.11 1.51 5.02
CA HIS A 106 22.16 1.65 6.12
C HIS A 106 22.65 0.80 7.27
N ASN A 107 23.00 1.45 8.39
CA ASN A 107 23.59 0.77 9.55
C ASN A 107 24.81 -0.04 9.15
N ASN A 108 25.68 0.58 8.35
CA ASN A 108 26.95 0.05 7.84
C ASN A 108 26.75 -1.07 6.83
N VAL A 109 25.54 -1.31 6.34
CA VAL A 109 25.27 -2.33 5.33
C VAL A 109 24.84 -1.64 4.05
N LYS A 110 25.52 -1.97 2.96
CA LYS A 110 25.23 -1.34 1.68
C LYS A 110 23.83 -1.72 1.20
N ILE A 111 23.05 -0.70 0.81
CA ILE A 111 21.70 -0.92 0.31
C ILE A 111 21.55 -0.47 -1.13
N GLN A 113 23.92 0.60 -4.97
CA GLN A 113 25.16 0.78 -5.71
C GLN A 113 24.83 1.27 -7.10
N LEU A 114 25.67 2.15 -7.63
CA LEU A 114 25.43 2.71 -8.95
C LEU A 114 26.77 3.10 -9.56
N ALA A 115 27.20 2.38 -10.59
CA ALA A 115 28.36 2.75 -11.38
C ALA A 115 27.93 3.71 -12.48
N PHE A 116 28.63 4.84 -12.59
CA PHE A 116 28.23 5.87 -13.52
C PHE A 116 28.45 5.48 -14.99
N ASN A 117 29.39 4.58 -15.26
CA ASN A 117 29.68 4.21 -16.64
C ASN A 117 28.55 3.42 -17.30
N THR A 118 27.59 2.92 -16.52
CA THR A 118 26.44 2.23 -17.05
C THR A 118 25.31 3.17 -17.44
N LEU A 119 25.47 4.47 -17.23
CA LEU A 119 24.40 5.43 -17.50
C LEU A 119 24.42 5.93 -18.93
N ILE A 120 25.59 6.13 -19.52
CA ILE A 120 25.71 6.53 -20.92
C ILE A 120 26.84 5.73 -21.55
N ASP A 121 26.75 5.52 -22.87
CA ASP A 121 27.78 4.78 -23.57
C ASP A 121 29.11 5.51 -23.59
N GLU A 122 29.08 6.84 -23.54
CA GLU A 122 30.31 7.62 -23.50
C GLU A 122 30.94 7.51 -22.11
N GLU A 123 32.10 8.13 -21.95
CA GLU A 123 32.80 8.10 -20.68
C GLU A 123 31.99 8.85 -19.61
N SER A 124 31.76 8.19 -18.48
CA SER A 124 30.87 8.70 -17.44
C SER A 124 31.47 8.39 -16.09
N TYR A 125 31.80 9.43 -15.33
CA TYR A 125 32.34 9.26 -14.00
C TYR A 125 32.17 10.56 -13.23
N CYS A 126 32.17 10.44 -11.90
CA CYS A 126 32.32 11.62 -11.08
C CYS A 126 33.80 11.99 -11.00
N ALA A 127 34.07 13.23 -10.62
CA ALA A 127 35.46 13.67 -10.56
C ALA A 127 35.65 14.62 -9.39
N ARG A 128 36.56 14.27 -8.50
CA ARG A 128 37.09 15.22 -7.52
C ARG A 128 38.04 16.15 -8.26
N LEU A 129 37.61 17.39 -8.44
CA LEU A 129 38.39 18.42 -9.12
C LEU A 129 38.17 19.72 -8.36
N THR A 130 39.23 20.22 -7.72
CA THR A 130 39.10 21.44 -6.94
C THR A 130 38.70 22.61 -7.84
N GLN A 131 37.75 23.41 -7.35
CA GLN A 131 37.33 24.60 -8.10
C GLN A 131 38.48 25.54 -8.43
N PRO A 132 39.45 25.80 -7.53
CA PRO A 132 40.60 26.63 -7.95
C PRO A 132 41.35 26.07 -9.16
N THR A 133 41.51 24.75 -9.24
CA THR A 133 42.24 24.17 -10.37
C THR A 133 41.50 24.38 -11.68
N LEU A 134 40.19 24.09 -11.70
CA LEU A 134 39.39 24.28 -12.89
C LEU A 134 39.35 25.74 -13.30
N LEU A 135 39.17 26.63 -12.32
CA LEU A 135 39.13 28.06 -12.60
C LEU A 135 40.48 28.55 -13.14
N SER A 136 41.58 28.05 -12.60
CA SER A 136 42.89 28.42 -13.12
C SER A 136 43.09 27.93 -14.54
N ALA A 137 42.63 26.72 -14.85
CA ALA A 137 42.73 26.22 -16.22
C ALA A 137 41.91 27.08 -17.17
N LEU A 138 40.69 27.44 -16.78
CA LEU A 138 39.86 28.28 -17.62
C LEU A 138 40.50 29.67 -17.80
N LEU A 139 41.07 30.22 -16.72
CA LEU A 139 41.72 31.52 -16.81
C LEU A 139 42.93 31.48 -17.73
N ASP A 140 43.73 30.42 -17.64
CA ASP A 140 44.89 30.28 -18.52
C ASP A 140 44.46 30.16 -19.97
N LYS A 141 43.37 29.41 -20.23
CA LYS A 141 42.86 29.32 -21.59
C LYS A 141 42.36 30.68 -22.09
N ALA A 142 41.70 31.44 -21.22
CA ALA A 142 41.07 32.69 -21.63
C ALA A 142 42.06 33.83 -21.80
N LYS A 143 43.13 33.87 -20.99
CA LYS A 143 44.04 35.01 -21.03
C LYS A 143 44.82 35.14 -22.33
N LYS A 144 44.81 34.11 -23.18
CA LYS A 144 45.46 34.24 -24.48
C LYS A 144 44.70 35.19 -25.40
N TYR A 145 43.45 35.51 -25.08
CA TYR A 145 42.66 36.43 -25.88
C TYR A 145 42.84 37.85 -25.36
N PRO A 146 43.25 38.81 -26.20
CA PRO A 146 43.44 40.19 -25.71
C PRO A 146 42.14 40.92 -25.40
N ASN A 147 41.00 40.40 -25.84
CA ASN A 147 39.71 41.02 -25.56
C ASN A 147 39.09 40.56 -24.25
N PHE A 148 39.78 39.71 -23.50
CA PHE A 148 39.31 39.22 -22.21
C PHE A 148 40.12 39.87 -21.09
N LYS A 149 39.44 40.50 -20.15
CA LYS A 149 40.09 41.15 -19.02
C LYS A 149 39.41 40.73 -17.74
N LEU A 150 40.18 40.24 -16.79
CA LEU A 150 39.68 39.81 -15.49
C LEU A 150 40.31 40.67 -14.40
N LEU A 151 39.47 41.22 -13.53
CA LEU A 151 39.91 42.10 -12.45
C LEU A 151 39.51 41.49 -11.11
N PHE A 152 40.51 41.08 -10.34
CA PHE A 152 40.30 40.65 -8.97
C PHE A 152 40.22 41.86 -8.05
N ASN A 153 39.60 41.65 -6.88
CA ASN A 153 39.45 42.69 -5.86
C ASN A 153 38.69 43.90 -6.39
N THR A 154 37.82 43.69 -7.37
CA THR A 154 36.99 44.75 -7.94
C THR A 154 35.55 44.41 -7.56
N LYS A 155 35.13 44.91 -6.40
CA LYS A 155 33.79 44.65 -5.88
C LYS A 155 32.81 45.61 -6.53
N VAL A 156 31.78 45.07 -7.17
CA VAL A 156 30.75 45.91 -7.77
C VAL A 156 29.96 46.58 -6.66
N ARG A 157 29.46 47.79 -6.93
CA ARG A 157 28.69 48.54 -5.94
C ARG A 157 27.30 48.90 -6.41
N ASP A 158 27.13 49.26 -7.69
CA ASP A 158 25.81 49.63 -8.17
C ASP A 158 25.74 49.39 -9.68
N LEU A 159 24.53 49.49 -10.22
CA LEU A 159 24.29 49.38 -11.64
C LEU A 159 24.05 50.76 -12.24
N LEU A 160 24.65 51.02 -13.39
CA LEU A 160 24.46 52.30 -14.08
C LEU A 160 23.19 52.27 -14.92
N ARG A 161 22.04 52.13 -14.26
CA ARG A 161 20.77 52.06 -14.96
C ARG A 161 20.41 53.43 -15.53
N GLU A 162 20.58 53.61 -16.84
CA GLU A 162 20.40 54.89 -17.49
C GLU A 162 19.58 54.69 -18.76
N ASP A 163 18.77 55.70 -19.08
CA ASP A 163 17.86 55.66 -20.24
C ASP A 163 16.86 54.53 -20.12
N GLY A 164 16.41 54.23 -18.90
CA GLY A 164 15.44 53.18 -18.69
C GLY A 164 15.97 51.77 -18.82
N LYS A 165 17.29 51.59 -18.81
CA LYS A 165 17.88 50.27 -18.98
C LYS A 165 19.27 50.26 -18.34
N VAL A 166 19.79 49.06 -18.12
CA VAL A 166 21.10 48.90 -17.51
C VAL A 166 22.17 49.09 -18.58
N THR A 167 23.12 49.99 -18.31
CA THR A 167 24.18 50.27 -19.27
C THR A 167 25.56 49.89 -18.75
N GLY A 168 25.69 49.53 -17.47
CA GLY A 168 26.99 49.17 -16.95
C GLY A 168 26.95 48.97 -15.45
N VAL A 169 28.12 49.12 -14.82
CA VAL A 169 28.27 48.90 -13.39
C VAL A 169 29.24 49.93 -12.84
N TYR A 170 28.93 50.45 -11.66
CA TYR A 170 29.84 51.26 -10.86
C TYR A 170 30.47 50.36 -9.81
N ALA A 171 31.79 50.21 -9.87
CA ALA A 171 32.53 49.33 -8.99
C ALA A 171 33.76 50.06 -8.43
N VAL A 172 34.40 49.44 -7.45
CA VAL A 172 35.59 49.98 -6.83
C VAL A 172 36.69 48.93 -6.90
N ALA A 173 37.80 49.28 -7.52
CA ALA A 173 38.93 48.38 -7.67
C ALA A 173 39.97 48.68 -6.60
N LYS A 174 40.36 47.66 -5.85
CA LYS A 174 41.33 47.83 -4.76
C LYS A 174 42.71 47.37 -5.20
N GLU A 188 42.59 49.80 -8.09
CA GLU A 188 42.79 51.06 -7.38
C GLU A 188 42.00 52.20 -8.03
N GLY A 189 40.86 52.54 -7.42
CA GLY A 189 40.04 53.64 -7.87
C GLY A 189 38.60 53.21 -8.03
N ASN A 190 37.82 54.06 -8.69
CA ASN A 190 36.41 53.80 -8.97
C ASN A 190 36.24 53.65 -10.48
N LEU A 191 35.62 52.55 -10.90
CA LEU A 191 35.46 52.22 -12.31
C LEU A 191 33.98 52.30 -12.69
N ASN A 192 33.69 53.06 -13.73
CA ASN A 192 32.36 53.14 -14.33
C ASN A 192 32.41 52.30 -15.60
N ILE A 193 32.25 50.99 -15.46
CA ILE A 193 32.37 50.08 -16.58
C ILE A 193 31.08 50.10 -17.39
N LYS A 194 31.20 50.27 -18.69
CA LYS A 194 30.06 50.33 -19.59
C LYS A 194 30.05 49.09 -20.48
N SER A 195 28.87 48.46 -20.60
CA SER A 195 28.74 47.25 -21.39
C SER A 195 27.29 47.07 -21.78
N ARG A 196 27.06 46.57 -23.00
CA ARG A 196 25.70 46.32 -23.46
C ARG A 196 25.01 45.26 -22.60
N VAL A 197 25.76 44.24 -22.20
CA VAL A 197 25.21 43.13 -21.41
C VAL A 197 26.00 43.03 -20.11
N THR A 198 25.28 43.01 -19.00
CA THR A 198 25.85 42.79 -17.67
C THR A 198 25.22 41.54 -17.09
N VAL A 199 26.05 40.58 -16.70
CA VAL A 199 25.60 39.27 -16.25
C VAL A 199 26.05 39.06 -14.81
N GLY A 200 25.10 38.75 -13.93
CA GLY A 200 25.39 38.50 -12.54
C GLY A 200 25.42 37.02 -12.22
N VAL A 201 26.58 36.53 -11.81
CA VAL A 201 26.76 35.16 -11.38
C VAL A 201 27.30 35.14 -9.96
N ASP A 202 26.88 36.13 -9.17
CA ASP A 202 27.46 36.34 -7.84
C ASP A 202 27.22 35.19 -6.88
N GLY A 203 26.29 34.29 -7.19
CA GLY A 203 26.03 33.16 -6.33
C GLY A 203 24.86 33.38 -5.40
N ARG A 204 24.75 32.51 -4.40
CA ARG A 204 23.67 32.61 -3.43
C ARG A 204 23.74 33.91 -2.63
N ASN A 205 24.94 34.33 -2.26
CA ASN A 205 25.14 35.63 -1.61
C ASN A 205 25.29 36.75 -2.63
N SER A 206 24.34 36.82 -3.56
CA SER A 206 24.44 37.75 -4.67
C SER A 206 24.15 39.17 -4.21
N THR A 207 25.09 40.08 -4.44
CA THR A 207 24.89 41.50 -4.22
C THR A 207 24.14 42.17 -5.36
N GLU A 209 21.56 40.53 -6.68
CA GLU A 209 20.23 39.92 -6.61
C GLU A 209 19.17 40.97 -6.31
N LYS A 210 19.52 41.97 -5.51
CA LYS A 210 18.58 43.04 -5.15
C LYS A 210 18.89 44.37 -5.81
N LEU A 211 20.04 44.50 -6.50
CA LEU A 211 20.25 45.68 -7.33
C LEU A 211 19.20 45.77 -8.42
N GLY A 212 18.89 44.64 -9.04
CA GLY A 212 17.69 44.50 -9.85
C GLY A 212 16.63 43.78 -9.04
N ASN A 213 15.39 44.24 -9.16
CA ASN A 213 14.31 43.73 -8.33
C ASN A 213 13.91 42.35 -8.84
N PHE A 214 14.74 41.36 -8.53
CA PHE A 214 14.55 39.99 -8.99
C PHE A 214 13.67 39.24 -7.98
N GLU A 215 12.49 38.83 -8.43
CA GLU A 215 11.57 38.11 -7.56
C GLU A 215 12.06 36.69 -7.31
N LEU A 216 12.02 36.28 -6.04
CA LEU A 216 12.49 34.97 -5.61
C LEU A 216 11.28 34.10 -5.32
N GLU A 217 11.04 33.12 -6.19
CA GLU A 217 9.84 32.27 -6.08
C GLU A 217 10.04 30.93 -5.44
N LEU A 218 11.22 30.69 -4.93
CA LEU A 218 11.47 29.43 -4.20
C LEU A 218 12.64 29.67 -3.25
N ASP A 219 12.36 29.68 -1.95
CA ASP A 219 13.38 29.85 -0.92
C ASP A 219 13.26 28.67 0.04
N TYR A 220 14.00 27.61 -0.24
CA TYR A 220 13.93 26.38 0.54
C TYR A 220 15.17 26.27 1.42
N TYR A 221 14.94 26.01 2.71
CA TYR A 221 16.03 25.78 3.65
C TYR A 221 15.50 24.91 4.78
N ASP A 222 15.84 23.63 4.76
CA ASP A 222 15.38 22.69 5.78
C ASP A 222 16.50 21.95 6.49
N ASN A 223 17.70 21.87 5.92
CA ASN A 223 18.78 21.08 6.48
C ASN A 223 20.09 21.84 6.33
N ASP A 224 21.09 21.40 7.09
CA ASP A 224 22.44 21.95 7.00
C ASP A 224 23.43 20.79 7.13
N LEU A 225 24.68 21.08 6.74
CA LEU A 225 25.73 20.07 6.73
C LEU A 225 26.90 20.54 7.59
N LEU A 226 27.36 19.67 8.48
CA LEU A 226 28.51 19.93 9.33
C LEU A 226 29.70 19.21 8.72
N TRP A 227 30.66 19.98 8.21
CA TRP A 227 31.77 19.45 7.45
C TRP A 227 33.03 19.38 8.30
N PHE A 228 33.78 18.28 8.15
CA PHE A 228 35.08 18.14 8.77
C PHE A 228 35.90 17.15 7.97
N SER A 229 37.22 17.36 7.94
CA SER A 229 38.14 16.53 7.17
C SER A 229 38.98 15.70 8.13
N PHE A 230 39.12 14.41 7.84
CA PHE A 230 39.90 13.51 8.68
C PHE A 230 40.78 12.64 7.81
N GLU A 231 41.88 12.15 8.40
CA GLU A 231 42.83 11.34 7.65
C GLU A 231 42.18 10.01 7.26
N LYS A 232 42.43 9.60 6.02
CA LYS A 232 41.79 8.43 5.45
C LYS A 232 42.31 7.15 6.10
N PRO A 233 41.43 6.30 6.64
CA PRO A 233 41.87 4.99 7.11
C PRO A 233 42.31 4.11 5.95
N GLU A 234 43.25 3.21 6.24
CA GLU A 234 43.76 2.32 5.21
C GLU A 234 42.72 1.32 4.72
N SER A 235 41.67 1.07 5.50
CA SER A 235 40.63 0.14 5.10
C SER A 235 39.69 0.71 4.04
N TRP A 236 39.77 2.01 3.77
CA TRP A 236 38.88 2.68 2.85
C TRP A 236 39.59 3.00 1.53
N ASP A 237 38.79 3.24 0.51
CA ASP A 237 39.28 3.75 -0.76
C ASP A 237 39.20 5.27 -0.77
N TYR A 238 40.04 5.90 -1.59
CA TYR A 238 40.08 7.36 -1.61
C TYR A 238 38.93 7.94 -2.44
N ASN A 239 38.79 7.49 -3.69
CA ASN A 239 37.77 8.03 -4.59
C ASN A 239 36.42 7.38 -4.28
N ILE A 240 35.83 7.80 -3.17
CA ILE A 240 34.56 7.26 -2.70
C ILE A 240 33.52 8.37 -2.69
N TYR A 241 32.26 7.96 -2.84
CA TYR A 241 31.11 8.85 -2.71
C TYR A 241 30.10 8.05 -1.90
N HIS A 242 30.16 8.19 -0.57
CA HIS A 242 29.44 7.30 0.32
C HIS A 242 28.41 8.08 1.11
N PHE A 243 27.18 7.56 1.16
CA PHE A 243 26.17 8.08 2.06
C PHE A 243 25.84 6.99 3.08
N TYR A 244 25.59 7.41 4.32
CA TYR A 244 25.33 6.50 5.42
C TYR A 244 24.08 6.95 6.16
N PHE A 245 23.08 6.08 6.22
CA PHE A 245 22.00 6.20 7.18
C PHE A 245 22.42 5.47 8.45
N GLN A 246 22.57 6.21 9.55
CA GLN A 246 23.02 5.64 10.81
C GLN A 246 21.99 5.92 11.89
N LYS A 247 22.28 5.47 13.10
CA LYS A 247 21.30 5.54 14.19
C LYS A 247 21.06 6.98 14.62
N ASN A 248 22.12 7.75 14.84
CA ASN A 248 21.96 9.12 15.33
C ASN A 248 21.95 10.14 14.20
N TYR A 249 22.88 10.01 13.25
CA TYR A 249 23.05 11.01 12.22
C TYR A 249 23.27 10.35 10.87
N ASN A 250 23.03 11.12 9.81
CA ASN A 250 23.33 10.70 8.45
C ASN A 250 24.62 11.34 7.98
N TYR A 251 25.48 10.55 7.35
CA TYR A 251 26.83 10.98 7.02
C TYR A 251 27.06 10.91 5.51
N LEU A 252 27.95 11.78 5.03
CA LEU A 252 28.37 11.79 3.63
C LEU A 252 29.89 11.88 3.58
N PHE A 253 30.51 10.99 2.80
CA PHE A 253 31.96 10.90 2.70
C PHE A 253 32.39 11.12 1.26
N LEU A 254 33.32 12.04 1.07
CA LEU A 254 33.86 12.45 -0.22
C LEU A 254 35.38 12.51 -0.14
N PRO A 255 36.05 12.43 -1.28
CA PRO A 255 37.53 12.46 -1.28
C PRO A 255 38.11 13.85 -1.13
N LYS A 256 38.29 14.32 0.11
CA LYS A 256 38.94 15.60 0.32
C LYS A 256 40.33 15.63 -0.30
N LEU A 257 40.69 16.78 -0.87
CA LEU A 257 41.98 16.93 -1.54
C LEU A 257 43.13 16.72 -0.56
N GLY A 258 44.18 16.05 -1.03
CA GLY A 258 45.35 15.81 -0.21
C GLY A 258 45.42 14.46 0.46
N GLY A 259 44.58 13.50 0.06
CA GLY A 259 44.55 12.20 0.69
C GLY A 259 43.68 12.12 1.92
N TYR A 260 42.97 13.18 2.28
CA TYR A 260 42.07 13.17 3.42
C TYR A 260 40.69 12.71 2.98
N ILE A 261 39.73 12.73 3.90
CA ILE A 261 38.35 12.40 3.60
C ILE A 261 37.48 13.49 4.20
N GLN A 262 36.58 14.04 3.39
CA GLN A 262 35.67 15.10 3.81
C GLN A 262 34.34 14.47 4.19
N CYS A 263 33.93 14.65 5.44
CA CYS A 263 32.70 14.08 5.96
C CYS A 263 31.73 15.19 6.34
N GLY A 264 30.48 15.00 5.95
CA GLY A 264 29.42 15.92 6.29
C GLY A 264 28.31 15.23 7.06
N ILE A 265 27.95 15.79 8.21
CA ILE A 265 26.88 15.29 9.04
C ILE A 265 25.63 16.12 8.76
N SER A 266 24.54 15.46 8.41
CA SER A 266 23.30 16.15 8.07
C SER A 266 22.53 16.47 9.34
N LEU A 267 22.12 17.73 9.49
CA LEU A 267 21.38 18.17 10.66
C LEU A 267 20.19 19.00 10.22
N THR A 268 19.18 19.07 11.09
CA THR A 268 18.03 19.92 10.84
C THR A 268 18.40 21.39 11.06
N LYS A 269 17.62 22.27 10.46
CA LYS A 269 17.86 23.71 10.59
C LYS A 269 17.69 24.13 12.06
N GLY A 270 18.76 24.69 12.63
CA GLY A 270 18.74 25.16 13.99
C GLY A 270 19.14 24.15 15.04
N GLU A 271 19.37 22.89 14.66
CA GLU A 271 19.76 21.85 15.60
C GLU A 271 21.22 21.95 16.03
N TYR A 272 22.06 22.63 15.23
CA TYR A 272 23.49 22.67 15.53
C TYR A 272 23.75 23.36 16.86
N GLN A 273 23.07 24.47 17.13
CA GLN A 273 23.32 25.16 18.40
C GLN A 273 22.73 24.41 19.59
N LYS A 274 21.66 23.63 19.36
CA LYS A 274 21.23 22.69 20.41
C LYS A 274 22.31 21.67 20.71
N ILE A 275 22.97 21.15 19.67
CA ILE A 275 24.05 20.20 19.87
C ILE A 275 25.21 20.86 20.62
N LYS A 276 25.55 22.09 20.25
CA LYS A 276 26.64 22.79 20.92
C LYS A 276 26.32 23.02 22.39
N LYS A 277 25.07 23.41 22.70
CA LYS A 277 24.68 23.56 24.09
C LYS A 277 24.72 22.24 24.83
N GLU A 278 24.32 21.14 24.17
CA GLU A 278 24.30 19.84 24.83
C GLU A 278 25.70 19.34 25.17
N GLY A 279 26.73 19.86 24.55
CA GLY A 279 28.09 19.48 24.90
C GLY A 279 28.81 18.79 23.77
N ILE A 280 30.12 19.02 23.67
CA ILE A 280 30.94 18.39 22.64
C ILE A 280 31.08 16.89 22.91
N GLU A 281 31.19 16.50 24.18
CA GLU A 281 31.42 15.10 24.51
C GLU A 281 30.26 14.22 24.05
N SER A 282 29.02 14.68 24.27
CA SER A 282 27.87 13.90 23.83
C SER A 282 27.83 13.77 22.32
N PHE A 283 28.15 14.85 21.61
CA PHE A 283 28.20 14.80 20.15
C PHE A 283 29.24 13.80 19.68
N LYS A 284 30.43 13.83 20.30
CA LYS A 284 31.48 12.88 19.93
C LYS A 284 31.06 11.45 20.20
N GLU A 285 30.41 11.20 21.33
CA GLU A 285 29.99 9.84 21.66
C GLU A 285 28.93 9.34 20.68
N LYS A 286 27.96 10.20 20.33
CA LYS A 286 26.93 9.79 19.39
C LYS A 286 27.50 9.59 17.99
N ILE A 287 28.52 10.37 17.61
CA ILE A 287 29.16 10.17 16.32
C ILE A 287 29.93 8.86 16.30
N LEU A 288 30.73 8.59 17.34
CA LEU A 288 31.54 7.39 17.37
C LEU A 288 30.71 6.12 17.53
N GLU A 289 29.52 6.23 18.13
CA GLU A 289 28.63 5.08 18.16
C GLU A 289 28.12 4.75 16.75
N ASP A 290 27.82 5.78 15.95
CA ASP A 290 27.38 5.55 14.59
C ASP A 290 28.52 5.09 13.70
N PRO A 292 32.27 4.01 14.23
CA PRO A 292 33.45 3.75 15.08
C PRO A 292 34.79 3.99 14.39
N ILE A 293 34.82 4.03 13.05
CA ILE A 293 36.07 4.26 12.34
C ILE A 293 36.61 5.66 12.56
N LEU A 294 35.80 6.57 13.11
CA LEU A 294 36.21 7.95 13.32
C LEU A 294 36.84 8.19 14.69
N LYS A 295 37.08 7.13 15.47
CA LYS A 295 37.57 7.30 16.83
C LYS A 295 38.98 7.88 16.86
N GLN A 296 39.82 7.50 15.89
CA GLN A 296 41.19 7.99 15.85
C GLN A 296 41.22 9.49 15.61
N HIS A 297 40.34 9.99 14.73
CA HIS A 297 40.29 11.42 14.48
C HIS A 297 39.68 12.19 15.65
N PHE A 298 38.64 11.62 16.27
CA PHE A 298 37.93 12.28 17.36
C PHE A 298 38.64 12.14 18.69
N ASP A 299 39.72 11.37 18.76
CA ASP A 299 40.53 11.34 19.97
C ASP A 299 41.15 12.70 20.26
N THR A 300 41.45 13.48 19.22
CA THR A 300 42.08 14.79 19.35
C THR A 300 41.09 15.94 19.22
N VAL A 301 39.80 15.66 19.15
CA VAL A 301 38.78 16.68 19.00
C VAL A 301 38.25 17.06 20.37
N THR A 302 38.28 18.35 20.69
CA THR A 302 37.80 18.83 21.98
C THR A 302 36.97 20.10 21.89
N ASP A 303 36.62 20.55 20.69
CA ASP A 303 35.84 21.77 20.53
C ASP A 303 35.08 21.70 19.22
N PHE A 304 34.12 22.60 19.06
CA PHE A 304 33.28 22.67 17.88
C PHE A 304 33.88 23.55 16.78
N LYS A 305 35.08 24.09 16.98
CA LYS A 305 35.67 25.01 16.03
C LYS A 305 36.31 24.31 14.83
N SER A 306 36.38 22.98 14.85
CA SER A 306 36.88 22.24 13.70
C SER A 306 35.82 22.04 12.63
N PHE A 307 34.56 21.86 13.02
CA PHE A 307 33.49 21.69 12.05
C PHE A 307 33.13 23.01 11.38
N VAL A 308 32.59 22.92 10.17
CA VAL A 308 32.13 24.08 9.41
C VAL A 308 30.67 23.85 9.05
N GLN A 309 29.84 24.85 9.28
CA GLN A 309 28.41 24.75 9.04
C GLN A 309 28.09 25.32 7.66
N LEU A 310 27.51 24.48 6.80
CA LEU A 310 27.03 24.89 5.48
C LEU A 310 25.52 24.85 5.47
N LEU A 311 24.89 25.91 4.97
CA LEU A 311 23.44 25.99 4.90
C LEU A 311 22.99 25.49 3.54
N CYS A 312 22.11 24.48 3.55
CA CYS A 312 21.64 23.84 2.31
C CYS A 312 20.43 24.61 1.79
N ARG A 313 20.72 25.71 1.11
CA ARG A 313 19.70 26.56 0.52
C ARG A 313 19.45 26.18 -0.94
N ARG A 315 17.44 28.26 -4.17
CA ARG A 315 16.68 29.41 -4.65
C ARG A 315 16.35 29.27 -6.13
N TYR A 316 15.28 29.94 -6.54
CA TYR A 316 14.89 29.99 -7.94
C TYR A 316 14.28 31.36 -8.22
N ILE A 317 15.02 32.21 -8.93
CA ILE A 317 14.51 33.52 -9.30
C ILE A 317 13.34 33.34 -10.26
N LYS A 318 12.29 34.17 -10.07
CA LYS A 318 11.08 34.06 -10.88
C LYS A 318 11.38 34.18 -12.37
N ASP A 319 12.08 35.25 -12.75
CA ASP A 319 12.50 35.44 -14.13
C ASP A 319 13.92 36.01 -14.11
N TRP A 320 14.83 35.33 -14.81
CA TRP A 320 16.24 35.67 -14.71
C TRP A 320 16.59 36.95 -15.46
N ALA A 321 15.81 37.29 -16.47
CA ALA A 321 15.97 38.54 -17.22
C ALA A 321 14.65 39.29 -17.18
N LYS A 322 14.68 40.54 -16.71
CA LYS A 322 13.49 41.36 -16.62
C LYS A 322 13.67 42.75 -17.22
N GLU A 323 14.88 43.10 -17.64
CA GLU A 323 15.15 44.40 -18.22
C GLU A 323 16.34 44.30 -19.16
N GLU A 324 16.49 45.29 -20.02
CA GLU A 324 17.54 45.29 -21.03
C GLU A 324 18.90 45.56 -20.39
N GLY A 325 19.89 44.76 -20.74
CA GLY A 325 21.25 44.96 -20.28
C GLY A 325 21.60 44.33 -18.96
N CYS A 326 20.73 43.53 -18.37
CA CYS A 326 21.00 42.86 -17.11
C CYS A 326 20.49 41.43 -17.17
N LEU A 328 20.66 37.52 -14.56
CA LEU A 328 21.15 36.67 -13.48
C LEU A 328 21.13 35.22 -13.91
N ILE A 329 22.30 34.57 -13.90
CA ILE A 329 22.40 33.16 -14.24
C ILE A 329 23.35 32.47 -13.26
N GLY A 330 23.28 31.14 -13.25
CA GLY A 330 24.18 30.36 -12.41
C GLY A 330 23.66 30.22 -10.99
N ASP A 331 24.60 30.18 -10.05
CA ASP A 331 24.25 30.02 -8.64
C ASP A 331 23.38 31.17 -8.15
N ALA A 332 23.53 32.35 -8.74
CA ALA A 332 22.70 33.49 -8.35
C ALA A 332 21.25 33.30 -8.73
N ALA A 333 20.95 32.37 -9.63
CA ALA A 333 19.58 32.16 -10.11
C ALA A 333 18.97 30.85 -9.63
N HIS A 334 19.70 29.75 -9.70
CA HIS A 334 19.13 28.42 -9.45
C HIS A 334 20.03 27.59 -8.55
N CYS A 335 20.44 28.16 -7.42
CA CYS A 335 21.23 27.41 -6.45
C CYS A 335 20.46 26.19 -5.97
N VAL A 336 21.18 25.11 -5.71
CA VAL A 336 20.60 23.82 -5.34
C VAL A 336 21.41 23.18 -4.23
N THR A 337 20.82 22.15 -3.62
CA THR A 337 21.46 21.38 -2.56
C THR A 337 22.57 20.49 -3.13
N PRO A 338 23.56 20.14 -2.30
CA PRO A 338 24.70 19.37 -2.82
C PRO A 338 24.49 17.86 -2.80
N TRP A 339 23.36 17.38 -3.29
CA TRP A 339 23.07 15.95 -3.35
C TRP A 339 23.20 15.50 -4.80
N GLY A 340 24.27 14.75 -5.07
CA GLY A 340 24.61 14.35 -6.41
C GLY A 340 25.63 15.24 -7.10
N ALA A 341 26.05 16.33 -6.46
CA ALA A 341 27.02 17.28 -7.02
C ALA A 341 26.50 17.89 -8.32
N VAL A 342 25.30 18.48 -8.25
CA VAL A 342 24.63 18.99 -9.45
C VAL A 342 24.79 20.50 -9.64
N GLY A 343 25.16 21.24 -8.59
CA GLY A 343 25.11 22.70 -8.66
C GLY A 343 26.09 23.27 -9.66
N SER A 344 27.35 22.81 -9.62
CA SER A 344 28.36 23.38 -10.50
C SER A 344 28.07 23.07 -11.97
N THR A 345 27.70 21.83 -12.26
CA THR A 345 27.40 21.45 -13.64
C THR A 345 26.16 22.18 -14.16
N LEU A 346 25.15 22.34 -13.29
CA LEU A 346 23.95 23.09 -13.69
C LEU A 346 24.30 24.54 -13.99
N ALA A 347 25.12 25.16 -13.14
CA ALA A 347 25.53 26.53 -13.38
C ALA A 347 26.34 26.67 -14.67
N GLY A 349 26.16 24.69 -17.32
CA GLY A 349 25.25 24.53 -18.45
C GLY A 349 24.42 25.78 -18.70
N THR A 350 23.94 26.41 -17.62
CA THR A 350 23.23 27.68 -17.77
C THR A 350 24.14 28.75 -18.39
N ALA A 351 25.40 28.79 -17.97
CA ALA A 351 26.35 29.74 -18.54
C ALA A 351 26.59 29.46 -20.03
N VAL A 352 26.67 28.19 -20.41
CA VAL A 352 26.86 27.84 -21.82
C VAL A 352 25.67 28.31 -22.64
N ILE A 353 24.46 28.05 -22.15
CA ILE A 353 23.25 28.48 -22.87
C ILE A 353 23.21 30.01 -22.96
N ALA A 354 23.59 30.69 -21.88
CA ALA A 354 23.60 32.15 -21.88
C ALA A 354 24.63 32.70 -22.86
N ALA A 355 25.80 32.06 -22.96
CA ALA A 355 26.79 32.47 -23.93
C ALA A 355 26.28 32.27 -25.35
N ASP A 356 25.59 31.15 -25.59
CA ASP A 356 24.99 30.93 -26.90
C ASP A 356 24.00 32.03 -27.25
N VAL A 357 23.12 32.37 -26.30
CA VAL A 357 22.10 33.38 -26.55
C VAL A 357 22.75 34.76 -26.77
N ILE A 358 23.77 35.07 -25.98
CA ILE A 358 24.44 36.36 -26.11
C ILE A 358 25.15 36.47 -27.45
N TYR A 359 25.82 35.41 -27.89
CA TYR A 359 26.47 35.42 -29.19
C TYR A 359 25.44 35.54 -30.31
N LYS A 360 24.31 34.84 -30.19
CA LYS A 360 23.25 34.95 -31.18
C LYS A 360 22.73 36.38 -31.26
N GLY A 361 22.50 37.02 -30.11
CA GLY A 361 22.02 38.38 -30.10
C GLY A 361 23.03 39.36 -30.69
N PHE A 362 24.31 39.18 -30.35
CA PHE A 362 25.34 40.08 -30.85
C PHE A 362 25.51 39.97 -32.36
N LYS A 363 25.49 38.73 -32.87
CA LYS A 363 25.55 38.55 -34.33
C LYS A 363 24.31 39.10 -35.00
N ASN A 364 23.13 38.86 -34.42
CA ASN A 364 21.87 39.33 -34.98
C ASN A 364 21.70 40.84 -34.77
N ASN A 365 22.40 41.42 -33.80
CA ASN A 365 22.19 42.78 -33.34
C ASN A 365 20.74 42.89 -32.85
N ASP A 366 20.47 42.13 -31.78
CA ASP A 366 19.18 42.14 -31.10
C ASP A 366 19.44 41.67 -29.67
N LEU A 367 19.50 42.61 -28.75
CA LEU A 367 19.78 42.34 -27.34
C LEU A 367 18.66 42.85 -26.45
N SER A 368 17.42 42.65 -26.87
CA SER A 368 16.28 43.09 -26.10
C SER A 368 16.01 42.12 -24.94
N LEU A 369 14.99 42.46 -24.14
CA LEU A 369 14.60 41.58 -23.03
C LEU A 369 14.08 40.24 -23.54
N GLU A 370 13.32 40.26 -24.64
CA GLU A 370 12.71 39.04 -25.14
C GLU A 370 13.72 38.04 -25.68
N THR A 371 14.90 38.50 -26.11
CA THR A 371 15.93 37.55 -26.52
C THR A 371 16.74 37.05 -25.33
N LEU A 372 16.82 37.85 -24.26
CA LEU A 372 17.47 37.40 -23.04
C LEU A 372 16.62 36.40 -22.28
N LYS A 373 15.29 36.46 -22.47
CA LYS A 373 14.41 35.47 -21.84
C LYS A 373 14.65 34.07 -22.40
N GLN A 374 15.35 33.95 -23.54
CA GLN A 374 15.57 32.65 -24.16
C GLN A 374 16.38 31.72 -23.26
N VAL A 375 17.34 32.27 -22.50
CA VAL A 375 18.15 31.43 -21.63
C VAL A 375 17.29 30.73 -20.59
N GLN A 376 16.41 31.50 -19.94
CA GLN A 376 15.50 30.90 -18.97
C GLN A 376 14.52 29.95 -19.65
N SER A 377 14.01 30.32 -20.82
CA SER A 377 13.06 29.46 -21.51
C SER A 377 13.68 28.12 -21.89
N ARG A 378 14.99 28.10 -22.11
CA ARG A 378 15.68 26.86 -22.46
C ARG A 378 16.16 26.07 -21.24
N ARG A 379 16.53 26.75 -20.16
CA ARG A 379 17.04 26.06 -18.98
C ARG A 379 15.95 25.70 -17.97
N LYS A 380 14.71 26.17 -18.18
CA LYS A 380 13.68 26.03 -17.16
C LYS A 380 13.36 24.57 -16.87
N GLU A 381 13.16 23.77 -17.92
CA GLU A 381 12.75 22.38 -17.71
C GLU A 381 13.82 21.59 -16.96
N GLU A 382 15.07 21.70 -17.42
CA GLU A 382 16.18 21.02 -16.77
C GLU A 382 16.39 21.45 -15.34
N VAL A 383 16.35 22.74 -15.08
CA VAL A 383 16.58 23.26 -13.74
C VAL A 383 15.46 22.84 -12.80
N LYS A 384 14.21 22.94 -13.26
CA LYS A 384 13.09 22.59 -12.39
C LYS A 384 13.05 21.09 -12.12
N ILE A 386 15.67 19.13 -11.97
CA ILE A 386 16.75 18.89 -11.01
C ILE A 386 16.33 19.33 -9.62
N GLN A 387 15.69 20.49 -9.51
CA GLN A 387 15.28 21.00 -8.20
C GLN A 387 14.23 20.12 -7.55
N ASN A 388 13.27 19.62 -8.34
CA ASN A 388 12.27 18.71 -7.79
C ASN A 388 12.90 17.40 -7.34
N LEU A 389 13.88 16.90 -8.09
CA LEU A 389 14.62 15.73 -7.64
C LEU A 389 15.34 16.01 -6.34
N GLN A 390 15.89 17.21 -6.19
CA GLN A 390 16.57 17.58 -4.96
C GLN A 390 15.60 17.63 -3.78
N LEU A 391 14.39 18.15 -4.00
CA LEU A 391 13.37 18.11 -2.96
C LEU A 391 13.04 16.67 -2.56
N THR A 392 12.85 15.80 -3.54
CA THR A 392 12.55 14.41 -3.23
C THR A 392 13.66 13.75 -2.43
N ILE A 393 14.92 14.03 -2.82
CA ILE A 393 16.05 13.45 -2.09
C ILE A 393 16.13 14.01 -0.68
N GLU A 394 15.95 15.32 -0.52
CA GLU A 394 16.01 15.94 0.79
C GLU A 394 14.91 15.42 1.70
N LYS A 395 13.80 14.96 1.14
CA LYS A 395 12.75 14.35 1.96
C LYS A 395 13.25 13.14 2.74
N PHE A 396 14.33 12.49 2.29
CA PHE A 396 14.89 11.35 2.99
C PHE A 396 15.70 11.74 4.22
N LEU A 397 16.08 13.00 4.36
CA LEU A 397 16.94 13.43 5.45
C LEU A 397 16.16 13.84 6.69
N THR A 398 14.90 13.44 6.80
CA THR A 398 14.10 13.82 7.96
C THR A 398 14.66 13.19 9.23
N ARG A 399 14.60 13.94 10.33
CA ARG A 399 15.07 13.47 11.62
C ARG A 399 13.96 13.44 12.67
N GLU A 400 12.71 13.38 12.22
CA GLU A 400 11.58 13.31 13.13
C GLU A 400 11.54 11.94 13.80
N PRO A 401 10.90 11.84 14.99
CA PRO A 401 10.99 10.62 15.82
C PRO A 401 10.82 9.30 15.07
N ILE A 402 9.69 9.09 14.41
CA ILE A 402 9.41 7.83 13.75
C ILE A 402 9.85 7.85 12.29
N LYS A 403 9.74 9.01 11.64
CA LYS A 403 10.10 9.12 10.23
C LYS A 403 11.59 8.86 10.01
N LYS A 404 12.42 9.12 11.00
CA LYS A 404 13.87 8.94 10.85
C LYS A 404 14.26 7.48 10.67
N GLU A 405 13.45 6.55 11.17
CA GLU A 405 13.79 5.14 11.11
C GLU A 405 13.27 4.44 9.87
N ILE A 406 12.15 4.90 9.30
CA ILE A 406 11.63 4.32 8.07
C ILE A 406 12.24 4.97 6.83
N ALA A 407 12.93 6.11 6.98
CA ALA A 407 13.54 6.77 5.83
C ALA A 407 14.62 5.92 5.15
N PRO A 408 15.57 5.31 5.87
CA PRO A 408 16.62 4.56 5.14
C PRO A 408 16.08 3.42 4.31
N LEU A 409 15.26 2.56 4.90
CA LEU A 409 14.68 1.44 4.17
C LEU A 409 13.54 1.86 3.24
N PHE A 411 14.37 4.36 1.33
CA PHE A 411 15.34 4.57 0.26
C PHE A 411 15.66 3.26 -0.46
N SER A 412 15.76 2.18 0.30
CA SER A 412 16.07 0.88 -0.29
C SER A 412 14.95 0.42 -1.23
N ILE A 413 13.70 0.67 -0.85
CA ILE A 413 12.57 0.28 -1.69
C ILE A 413 12.59 1.04 -3.00
N ALA A 414 12.81 2.36 -2.94
CA ALA A 414 12.78 3.17 -4.16
C ALA A 414 13.89 2.81 -5.11
N THR A 415 15.04 2.37 -4.60
CA THR A 415 16.15 1.96 -5.44
C THR A 415 15.95 0.58 -6.07
N LYS A 416 14.92 -0.16 -5.64
CA LYS A 416 14.63 -1.48 -6.17
C LYS A 416 13.49 -1.46 -7.18
N PRO A 418 11.66 -0.88 -10.86
CA PRO A 418 12.13 -1.10 -12.24
C PRO A 418 12.54 0.17 -12.96
N ASP A 419 11.99 1.32 -12.56
CA ASP A 419 12.23 2.58 -13.26
C ASP A 419 13.34 3.42 -12.63
N ILE A 420 14.12 2.86 -11.71
CA ILE A 420 15.10 3.66 -10.98
C ILE A 420 16.22 4.12 -11.90
N THR A 421 16.50 3.37 -12.97
CA THR A 421 17.60 3.73 -13.86
C THR A 421 17.30 5.01 -14.62
N ASN A 422 16.03 5.23 -14.98
CA ASN A 422 15.67 6.49 -15.62
C ASN A 422 15.89 7.67 -14.68
N LEU A 423 15.58 7.49 -13.40
CA LEU A 423 15.85 8.54 -12.43
C LEU A 423 17.35 8.77 -12.27
N TYR A 424 18.14 7.71 -12.30
CA TYR A 424 19.59 7.85 -12.25
C TYR A 424 20.09 8.66 -13.44
N LYS A 425 19.58 8.35 -14.63
CA LYS A 425 19.98 9.07 -15.83
C LYS A 425 19.57 10.55 -15.75
N LYS A 426 18.35 10.82 -15.26
CA LYS A 426 17.90 12.20 -15.15
C LYS A 426 18.69 12.98 -14.10
N LEU A 427 19.17 12.32 -13.05
CA LEU A 427 19.88 13.01 -11.97
C LEU A 427 21.38 13.13 -12.22
N PHE A 428 21.97 12.30 -13.07
CA PHE A 428 23.41 12.32 -13.26
C PHE A 428 23.86 12.67 -14.68
N THR A 429 23.06 12.44 -15.70
CA THR A 429 23.50 12.60 -17.08
C THR A 429 22.54 13.49 -17.85
N ARG A 430 23.04 14.01 -18.97
CA ARG A 430 22.25 14.80 -19.90
C ARG A 430 21.91 13.94 -21.11
N GLU A 431 20.62 13.83 -21.43
CA GLU A 431 20.19 12.96 -22.51
C GLU A 431 20.75 13.42 -23.87
N PHE A 432 20.69 14.72 -24.13
CA PHE A 432 21.20 15.28 -25.38
C PHE A 432 22.10 16.46 -25.08
N PRO A 433 23.10 16.70 -25.94
CA PRO A 433 24.00 17.84 -25.71
C PRO A 433 23.28 19.17 -25.95
N LEU A 434 23.81 20.20 -25.31
CA LEU A 434 23.27 21.54 -25.48
C LEU A 434 23.43 22.00 -26.93
N ASP A 435 22.39 22.63 -27.46
CA ASP A 435 22.38 23.07 -28.85
C ASP A 435 23.15 24.39 -28.95
N ILE A 436 24.43 24.29 -29.31
CA ILE A 436 25.29 25.46 -29.45
C ILE A 436 26.05 25.34 -30.77
N ASP A 437 26.57 26.49 -31.23
CA ASP A 437 27.23 26.55 -32.52
C ASP A 437 28.58 25.85 -32.47
N GLU A 438 29.06 25.50 -33.67
CA GLU A 438 30.40 24.93 -33.80
C GLU A 438 31.49 25.92 -33.41
N SER A 439 31.19 27.22 -33.48
CA SER A 439 32.19 28.22 -33.10
C SER A 439 32.58 28.10 -31.63
N PHE A 440 31.71 27.55 -30.80
CA PHE A 440 32.00 27.37 -29.39
C PHE A 440 32.85 26.13 -29.11
N ILE A 441 33.11 25.30 -30.12
CA ILE A 441 33.91 24.10 -29.95
C ILE A 441 35.38 24.47 -30.08
N PHE A 442 36.17 24.11 -29.06
CA PHE A 442 37.59 24.43 -29.05
C PHE A 442 38.35 23.49 -29.99
N HIS A 443 39.42 24.03 -30.58
CA HIS A 443 40.24 23.26 -31.49
C HIS A 443 41.71 23.28 -31.05
N LYS B 27 -21.97 -53.03 17.40
CA LYS B 27 -23.16 -53.50 18.11
C LYS B 27 -24.20 -52.39 18.21
N GLU B 28 -24.47 -51.95 19.45
CA GLU B 28 -25.47 -50.91 19.69
C GLU B 28 -25.03 -50.14 20.93
N VAL B 29 -24.37 -49.00 20.72
CA VAL B 29 -23.88 -48.16 21.79
C VAL B 29 -24.65 -46.84 21.76
N GLN B 30 -25.23 -46.47 22.90
CA GLN B 30 -26.01 -45.24 23.01
C GLN B 30 -25.32 -44.32 24.01
N SER B 31 -25.14 -43.06 23.62
CA SER B 31 -24.49 -42.06 24.47
C SER B 31 -25.21 -40.74 24.28
N ASP B 32 -24.64 -39.68 24.86
CA ASP B 32 -25.19 -38.33 24.72
C ASP B 32 -24.43 -37.49 23.71
N VAL B 33 -23.10 -37.54 23.72
CA VAL B 33 -22.27 -36.81 22.77
C VAL B 33 -21.30 -37.79 22.14
N CYS B 34 -21.16 -37.71 20.81
CA CYS B 34 -20.22 -38.53 20.06
C CYS B 34 -19.27 -37.60 19.30
N ILE B 35 -18.01 -37.58 19.71
CA ILE B 35 -17.00 -36.72 19.12
C ILE B 35 -16.11 -37.57 18.21
N VAL B 36 -16.15 -37.31 16.92
CA VAL B 36 -15.33 -38.03 15.95
C VAL B 36 -14.03 -37.25 15.81
N GLY B 37 -12.98 -37.75 16.44
CA GLY B 37 -11.68 -37.08 16.42
C GLY B 37 -11.12 -36.83 17.80
N ALA B 38 -9.90 -37.31 18.04
CA ALA B 38 -9.29 -37.16 19.35
C ALA B 38 -8.05 -36.27 19.29
N GLY B 39 -8.15 -35.17 18.55
CA GLY B 39 -7.11 -34.17 18.53
C GLY B 39 -7.24 -33.24 19.71
N PRO B 40 -6.40 -32.19 19.75
CA PRO B 40 -6.44 -31.28 20.91
C PRO B 40 -7.80 -30.65 21.16
N ALA B 41 -8.55 -30.32 20.11
CA ALA B 41 -9.85 -29.68 20.30
C ALA B 41 -10.87 -30.68 20.86
N GLY B 42 -11.15 -31.74 20.11
CA GLY B 42 -12.16 -32.69 20.54
C GLY B 42 -11.86 -33.29 21.90
N LEU B 44 -10.40 -31.89 24.37
CA LEU B 44 -10.90 -30.92 25.34
C LEU B 44 -12.41 -30.99 25.43
N LEU B 45 -13.09 -30.93 24.27
CA LEU B 45 -14.53 -31.13 24.25
C LEU B 45 -14.90 -32.49 24.80
N GLY B 46 -13.96 -33.44 24.74
CA GLY B 46 -14.21 -34.75 25.32
C GLY B 46 -14.41 -34.70 26.83
N LEU B 47 -13.60 -33.91 27.53
CA LEU B 47 -13.67 -33.93 28.99
C LEU B 47 -14.46 -32.77 29.58
N LEU B 48 -14.57 -31.65 28.86
CA LEU B 48 -15.35 -30.53 29.39
C LEU B 48 -16.79 -30.94 29.64
N LEU B 49 -17.38 -31.72 28.72
CA LEU B 49 -18.70 -32.29 28.98
C LEU B 49 -18.62 -33.49 29.91
N ALA B 50 -17.50 -34.22 29.91
CA ALA B 50 -17.40 -35.40 30.76
C ALA B 50 -17.47 -35.03 32.24
N LYS B 51 -16.83 -33.93 32.63
CA LYS B 51 -16.94 -33.46 34.00
C LYS B 51 -18.29 -32.82 34.28
N GLN B 52 -19.10 -32.57 33.26
CA GLN B 52 -20.46 -32.07 33.46
C GLN B 52 -21.46 -33.18 33.77
N GLY B 53 -21.07 -34.43 33.63
CA GLY B 53 -21.95 -35.55 33.90
C GLY B 53 -22.57 -36.19 32.68
N LEU B 54 -22.33 -35.66 31.50
CA LEU B 54 -22.92 -36.21 30.28
C LEU B 54 -22.18 -37.47 29.84
N GLU B 55 -22.81 -38.21 28.94
CA GLU B 55 -22.22 -39.41 28.36
C GLU B 55 -21.46 -39.02 27.10
N VAL B 56 -20.15 -39.25 27.10
CA VAL B 56 -19.26 -38.82 26.03
C VAL B 56 -18.54 -40.04 25.46
N ILE B 57 -18.58 -40.19 24.14
CA ILE B 57 -17.79 -41.20 23.45
C ILE B 57 -16.95 -40.49 22.39
N VAL B 58 -15.66 -40.78 22.36
CA VAL B 58 -14.72 -40.15 21.44
C VAL B 58 -14.12 -41.24 20.55
N LEU B 59 -14.25 -41.07 19.24
CA LEU B 59 -13.78 -42.05 18.26
C LEU B 59 -12.56 -41.52 17.54
N GLU B 60 -11.55 -42.38 17.40
CA GLU B 60 -10.29 -42.02 16.77
C GLU B 60 -9.86 -43.14 15.83
N GLN B 61 -9.51 -42.78 14.59
CA GLN B 61 -9.05 -43.79 13.64
C GLN B 61 -7.63 -44.22 13.94
N ASN B 62 -6.79 -43.30 14.40
CA ASN B 62 -5.42 -43.62 14.73
C ASN B 62 -5.36 -44.46 16.00
N GLY B 63 -4.29 -45.23 16.14
CA GLY B 63 -4.13 -46.07 17.30
C GLY B 63 -3.65 -45.37 18.55
N ASP B 64 -3.23 -44.12 18.44
CA ASP B 64 -2.72 -43.33 19.57
C ASP B 64 -2.63 -41.88 19.12
N PHE B 65 -2.05 -41.04 19.98
CA PHE B 65 -1.78 -39.65 19.61
C PHE B 65 -0.41 -39.48 18.96
N HIS B 66 0.48 -40.45 19.10
CA HIS B 66 1.83 -40.36 18.56
C HIS B 66 1.91 -40.68 17.08
N ARG B 67 0.83 -41.18 16.47
CA ARG B 67 0.92 -41.71 15.12
C ARG B 67 1.28 -40.64 14.11
N GLU B 68 0.66 -39.48 14.19
CA GLU B 68 0.95 -38.36 13.29
C GLU B 68 1.54 -37.19 14.07
N TYR B 69 2.52 -36.53 13.47
CA TYR B 69 3.05 -35.28 14.00
C TYR B 69 2.09 -34.15 13.62
N ARG B 70 1.49 -33.52 14.63
CA ARG B 70 0.46 -32.52 14.40
C ARG B 70 0.84 -31.15 14.96
N GLY B 71 2.07 -30.97 15.42
CA GLY B 71 2.50 -29.66 15.87
C GLY B 71 3.13 -29.63 17.25
N GLU B 72 3.90 -28.59 17.53
CA GLU B 72 4.58 -28.42 18.81
C GLU B 72 4.34 -27.06 19.44
N ILE B 73 4.26 -26.00 18.65
CA ILE B 73 4.26 -24.64 19.17
C ILE B 73 2.83 -24.22 19.52
N THR B 74 2.67 -23.62 20.70
CA THR B 74 1.42 -23.02 21.13
C THR B 74 1.60 -21.51 21.22
N GLN B 75 0.56 -20.85 21.73
CA GLN B 75 0.43 -19.41 21.74
C GLN B 75 0.09 -18.95 23.15
N PRO B 76 0.32 -17.68 23.48
CA PRO B 76 -0.16 -17.18 24.78
C PRO B 76 -1.66 -17.29 24.96
N ARG B 77 -2.42 -17.35 23.87
CA ARG B 77 -3.85 -17.65 23.97
C ARG B 77 -4.08 -19.00 24.63
N PHE B 78 -3.23 -19.98 24.36
CA PHE B 78 -3.34 -21.27 25.02
C PHE B 78 -3.13 -21.15 26.52
N VAL B 79 -2.15 -20.35 26.93
CA VAL B 79 -1.92 -20.12 28.35
C VAL B 79 -3.12 -19.44 28.99
N GLN B 80 -3.70 -18.45 28.29
CA GLN B 80 -4.88 -17.77 28.80
C GLN B 80 -6.03 -18.76 28.98
N LEU B 81 -6.25 -19.62 27.99
CA LEU B 81 -7.34 -20.58 28.06
C LEU B 81 -7.12 -21.59 29.19
N LYS B 83 -5.35 -21.15 31.95
CA LYS B 83 -5.52 -20.47 33.24
C LYS B 83 -6.99 -20.16 33.51
N GLN B 84 -7.76 -19.84 32.47
CA GLN B 84 -9.19 -19.56 32.66
C GLN B 84 -9.93 -20.81 33.14
N LEU B 85 -9.56 -21.97 32.65
CA LEU B 85 -10.16 -23.24 33.07
C LEU B 85 -9.48 -23.84 34.28
N ASN B 86 -8.51 -23.14 34.88
CA ASN B 86 -7.75 -23.63 36.02
C ASN B 86 -7.04 -24.95 35.71
N LEU B 87 -6.47 -25.04 34.50
CA LEU B 87 -5.70 -26.19 34.09
C LEU B 87 -4.23 -25.87 33.88
N LEU B 88 -3.80 -24.63 34.15
CA LEU B 88 -2.46 -24.21 33.78
C LEU B 88 -1.38 -25.00 34.51
N ASP B 89 -1.56 -25.22 35.82
CA ASP B 89 -0.56 -25.95 36.59
C ASP B 89 -0.47 -27.40 36.12
N TYR B 90 -1.61 -28.04 35.86
CA TYR B 90 -1.62 -29.44 35.45
C TYR B 90 -0.88 -29.64 34.13
N ILE B 91 -1.12 -28.75 33.16
CA ILE B 91 -0.44 -28.86 31.87
C ILE B 91 1.03 -28.49 32.01
N GLU B 92 1.31 -27.43 32.78
CA GLU B 92 2.70 -26.97 32.95
C GLU B 92 3.55 -27.94 33.75
N SER B 93 2.93 -28.89 34.45
CA SER B 93 3.69 -29.95 35.11
C SER B 93 4.29 -30.95 34.13
N ASN B 94 3.91 -30.88 32.85
CA ASN B 94 4.40 -31.79 31.84
C ASN B 94 5.64 -31.20 31.17
N SER B 95 6.08 -31.82 30.07
CA SER B 95 7.27 -31.39 29.36
C SER B 95 6.90 -30.25 28.41
N HIS B 96 7.38 -29.05 28.72
CA HIS B 96 7.12 -27.87 27.88
C HIS B 96 8.36 -26.98 27.91
N VAL B 97 8.49 -26.14 26.89
CA VAL B 97 9.59 -25.19 26.81
C VAL B 97 9.00 -23.80 26.57
N LYS B 98 9.29 -22.87 27.48
CA LYS B 98 8.73 -21.53 27.36
C LYS B 98 9.55 -20.69 26.39
N ILE B 99 8.87 -20.07 25.43
CA ILE B 99 9.46 -19.23 24.39
C ILE B 99 8.97 -17.81 24.62
N PRO B 100 9.86 -16.89 25.03
CA PRO B 100 9.38 -15.56 25.45
C PRO B 100 9.21 -14.56 24.32
N GLU B 101 9.83 -14.77 23.15
CA GLU B 101 9.80 -13.75 22.13
C GLU B 101 9.88 -14.37 20.74
N VAL B 102 9.52 -13.58 19.75
CA VAL B 102 9.65 -13.92 18.34
C VAL B 102 10.54 -12.88 17.69
N ASN B 103 11.54 -13.34 16.94
CA ASN B 103 12.49 -12.45 16.27
C ASN B 103 12.38 -12.61 14.76
N VAL B 104 12.57 -11.51 14.05
CA VAL B 104 12.57 -11.48 12.60
C VAL B 104 13.87 -10.83 12.13
N PHE B 105 14.49 -11.45 11.13
CA PHE B 105 15.75 -10.98 10.58
C PHE B 105 15.59 -10.73 9.08
N HIS B 106 16.36 -9.78 8.58
CA HIS B 106 16.51 -9.57 7.15
C HIS B 106 18.00 -9.62 6.82
N ASN B 107 18.40 -10.58 5.99
CA ASN B 107 19.79 -10.78 5.63
C ASN B 107 20.67 -10.92 6.88
N ASN B 108 20.18 -11.72 7.83
CA ASN B 108 20.83 -12.06 9.09
C ASN B 108 20.92 -10.88 10.05
N VAL B 109 20.17 -9.81 9.84
CA VAL B 109 20.14 -8.66 10.73
C VAL B 109 18.72 -8.50 11.25
N LYS B 110 18.59 -8.41 12.57
CA LYS B 110 17.27 -8.35 13.20
C LYS B 110 16.56 -7.06 12.82
N ILE B 111 15.30 -7.20 12.40
CA ILE B 111 14.46 -6.06 12.04
C ILE B 111 13.24 -5.95 12.92
N GLN B 113 11.50 -7.32 16.99
CA GLN B 113 11.59 -8.07 18.23
C GLN B 113 10.30 -7.84 19.02
N LEU B 114 9.82 -8.91 19.66
CA LEU B 114 8.58 -8.81 20.43
C LEU B 114 8.64 -9.84 21.55
N ALA B 115 8.78 -9.36 22.79
CA ALA B 115 8.66 -10.21 23.96
C ALA B 115 7.19 -10.36 24.31
N PHE B 116 6.75 -11.60 24.56
CA PHE B 116 5.34 -11.85 24.76
C PHE B 116 4.82 -11.36 26.10
N ASN B 117 5.70 -11.21 27.10
CA ASN B 117 5.23 -10.78 28.42
C ASN B 117 4.77 -9.33 28.44
N THR B 118 5.10 -8.55 27.40
CA THR B 118 4.63 -7.18 27.31
C THR B 118 3.22 -7.07 26.74
N LEU B 119 2.67 -8.16 26.19
CA LEU B 119 1.37 -8.09 25.54
C LEU B 119 0.23 -7.96 26.55
N ILE B 120 0.25 -8.76 27.61
CA ILE B 120 -0.77 -8.69 28.64
C ILE B 120 -0.07 -8.78 30.00
N ASP B 121 -0.76 -8.28 31.03
CA ASP B 121 -0.17 -8.27 32.37
C ASP B 121 -0.15 -9.66 33.00
N GLU B 122 -1.03 -10.55 32.60
CA GLU B 122 -1.01 -11.91 33.10
C GLU B 122 0.07 -12.72 32.38
N GLU B 123 0.08 -14.03 32.63
CA GLU B 123 1.08 -14.90 32.01
C GLU B 123 0.92 -14.91 30.50
N SER B 124 2.03 -14.70 29.79
CA SER B 124 2.01 -14.62 28.34
C SER B 124 3.34 -15.12 27.81
N TYR B 125 3.30 -16.26 27.12
CA TYR B 125 4.51 -16.86 26.56
C TYR B 125 4.11 -17.92 25.56
N CYS B 126 4.88 -18.02 24.48
CA CYS B 126 4.69 -19.15 23.59
C CYS B 126 5.27 -20.41 24.26
N ALA B 127 4.89 -21.57 23.75
CA ALA B 127 5.38 -22.79 24.36
C ALA B 127 5.60 -23.86 23.31
N ARG B 128 6.71 -24.58 23.45
CA ARG B 128 6.91 -25.86 22.79
C ARG B 128 6.26 -26.93 23.65
N LEU B 129 5.19 -27.52 23.13
CA LEU B 129 4.40 -28.51 23.86
C LEU B 129 3.83 -29.46 22.82
N THR B 130 4.42 -30.65 22.72
CA THR B 130 3.97 -31.61 21.71
C THR B 130 2.52 -31.99 21.94
N GLN B 131 1.76 -32.12 20.85
CA GLN B 131 0.39 -32.57 20.95
C GLN B 131 0.22 -33.90 21.67
N PRO B 132 1.07 -34.92 21.45
CA PRO B 132 0.87 -36.17 22.19
C PRO B 132 0.88 -36.02 23.71
N THR B 133 1.73 -35.18 24.28
CA THR B 133 1.78 -35.08 25.74
C THR B 133 0.59 -34.29 26.28
N LEU B 134 0.16 -33.25 25.57
CA LEU B 134 -1.05 -32.54 25.97
C LEU B 134 -2.27 -33.44 25.90
N LEU B 135 -2.38 -34.23 24.82
CA LEU B 135 -3.48 -35.17 24.68
C LEU B 135 -3.41 -36.25 25.74
N SER B 136 -2.22 -36.70 26.09
CA SER B 136 -2.08 -37.69 27.16
C SER B 136 -2.54 -37.13 28.50
N ALA B 137 -2.18 -35.88 28.79
CA ALA B 137 -2.63 -35.25 30.03
C ALA B 137 -4.16 -35.10 30.05
N LEU B 138 -4.73 -34.66 28.93
CA LEU B 138 -6.19 -34.54 28.86
C LEU B 138 -6.87 -35.89 29.03
N LEU B 139 -6.33 -36.93 28.40
CA LEU B 139 -6.89 -38.27 28.53
C LEU B 139 -6.78 -38.78 29.96
N ASP B 140 -5.64 -38.52 30.61
CA ASP B 140 -5.47 -38.93 32.00
C ASP B 140 -6.49 -38.25 32.91
N LYS B 141 -6.74 -36.97 32.67
CA LYS B 141 -7.77 -36.27 33.44
C LYS B 141 -9.16 -36.82 33.13
N ALA B 142 -9.45 -37.11 31.85
CA ALA B 142 -10.80 -37.46 31.43
C ALA B 142 -11.18 -38.88 31.81
N LYS B 143 -10.25 -39.83 31.72
CA LYS B 143 -10.57 -41.23 31.96
C LYS B 143 -10.92 -41.52 33.42
N LYS B 144 -10.66 -40.59 34.32
CA LYS B 144 -11.13 -40.73 35.70
C LYS B 144 -12.64 -40.58 35.80
N TYR B 145 -13.31 -40.07 34.77
CA TYR B 145 -14.76 -39.96 34.77
C TYR B 145 -15.35 -41.21 34.13
N PRO B 146 -16.21 -41.96 34.84
CA PRO B 146 -16.75 -43.19 34.25
C PRO B 146 -17.66 -42.96 33.05
N ASN B 147 -18.19 -41.75 32.87
CA ASN B 147 -19.10 -41.46 31.77
C ASN B 147 -18.36 -41.07 30.49
N PHE B 148 -17.03 -41.08 30.51
CA PHE B 148 -16.23 -40.77 29.34
C PHE B 148 -15.62 -42.05 28.79
N LYS B 149 -15.79 -42.29 27.50
CA LYS B 149 -15.22 -43.45 26.83
C LYS B 149 -14.49 -43.02 25.58
N LEU B 150 -13.34 -43.61 25.34
CA LEU B 150 -12.52 -43.31 24.17
C LEU B 150 -12.19 -44.62 23.45
N LEU B 151 -12.42 -44.64 22.14
CA LEU B 151 -12.13 -45.81 21.31
C LEU B 151 -11.11 -45.43 20.25
N PHE B 152 -10.04 -46.22 20.18
CA PHE B 152 -9.02 -46.02 19.16
C PHE B 152 -9.18 -47.05 18.05
N ASN B 153 -8.57 -46.74 16.90
CA ASN B 153 -8.71 -47.55 15.68
C ASN B 153 -10.18 -47.75 15.33
N THR B 154 -10.97 -46.69 15.48
CA THR B 154 -12.40 -46.72 15.20
C THR B 154 -12.69 -45.61 14.18
N LYS B 155 -12.55 -45.95 12.91
CA LYS B 155 -12.79 -44.98 11.84
C LYS B 155 -14.28 -44.91 11.54
N VAL B 156 -14.82 -43.69 11.50
CA VAL B 156 -16.23 -43.49 11.21
C VAL B 156 -16.45 -43.57 9.70
N ARG B 157 -17.48 -44.32 9.30
CA ARG B 157 -17.81 -44.49 7.89
C ARG B 157 -19.04 -43.71 7.47
N ASP B 158 -20.16 -43.86 8.16
CA ASP B 158 -21.42 -43.25 7.74
C ASP B 158 -22.05 -42.51 8.91
N LEU B 159 -23.00 -41.64 8.57
CA LEU B 159 -23.82 -40.93 9.56
C LEU B 159 -25.22 -41.53 9.57
N LEU B 160 -25.73 -41.80 10.77
CA LEU B 160 -27.05 -42.41 10.93
C LEU B 160 -28.15 -41.35 10.83
N ARG B 161 -28.32 -40.81 9.63
CA ARG B 161 -29.34 -39.80 9.39
C ARG B 161 -30.71 -40.46 9.29
N GLU B 162 -31.56 -40.21 10.29
CA GLU B 162 -32.84 -40.89 10.40
C GLU B 162 -33.86 -39.92 10.98
N ASP B 163 -35.09 -40.01 10.47
CA ASP B 163 -36.15 -39.03 10.73
C ASP B 163 -35.73 -37.61 10.42
N GLY B 164 -34.99 -37.41 9.33
CA GLY B 164 -34.61 -36.08 8.90
C GLY B 164 -33.57 -35.40 9.75
N LYS B 165 -32.94 -36.12 10.67
CA LYS B 165 -31.94 -35.55 11.57
C LYS B 165 -30.83 -36.56 11.76
N VAL B 166 -29.66 -36.06 12.16
CA VAL B 166 -28.53 -36.94 12.42
C VAL B 166 -28.71 -37.59 13.78
N THR B 167 -28.76 -38.92 13.79
CA THR B 167 -29.00 -39.68 15.01
C THR B 167 -27.74 -40.33 15.57
N GLY B 168 -26.79 -40.70 14.71
CA GLY B 168 -25.57 -41.31 15.19
C GLY B 168 -24.60 -41.53 14.05
N VAL B 169 -23.64 -42.42 14.30
CA VAL B 169 -22.59 -42.75 13.33
C VAL B 169 -22.42 -44.25 13.25
N TYR B 170 -22.18 -44.73 12.03
CA TYR B 170 -21.80 -46.11 11.78
C TYR B 170 -20.28 -46.14 11.55
N ALA B 171 -19.57 -46.87 12.41
CA ALA B 171 -18.12 -46.91 12.39
C ALA B 171 -17.65 -48.35 12.49
N VAL B 172 -16.38 -48.57 12.14
CA VAL B 172 -15.74 -49.87 12.21
C VAL B 172 -14.59 -49.78 13.17
N ALA B 173 -14.58 -50.65 14.17
CA ALA B 173 -13.52 -50.69 15.18
C ALA B 173 -12.58 -51.85 14.88
N LYS B 174 -11.29 -51.56 14.88
CA LYS B 174 -10.28 -52.58 14.60
C LYS B 174 -9.38 -52.79 15.81
N GLU B 188 -13.10 -53.92 17.36
CA GLU B 188 -13.23 -55.15 16.60
C GLU B 188 -14.69 -55.46 16.29
N GLY B 189 -15.25 -54.74 15.33
CA GLY B 189 -16.63 -54.96 14.94
C GLY B 189 -17.20 -53.74 14.25
N ASN B 190 -18.52 -53.78 14.06
CA ASN B 190 -19.26 -52.70 13.41
C ASN B 190 -20.15 -52.05 14.45
N LEU B 191 -19.82 -50.82 14.84
CA LEU B 191 -20.54 -50.11 15.88
C LEU B 191 -21.52 -49.11 15.29
N ASN B 192 -22.73 -49.11 15.83
CA ASN B 192 -23.80 -48.20 15.42
C ASN B 192 -24.09 -47.31 16.63
N ILE B 193 -23.36 -46.20 16.73
CA ILE B 193 -23.41 -45.36 17.92
C ILE B 193 -24.51 -44.32 17.76
N LYS B 194 -25.39 -44.23 18.75
CA LYS B 194 -26.51 -43.30 18.75
C LYS B 194 -26.28 -42.24 19.81
N SER B 195 -26.45 -40.97 19.43
CA SER B 195 -26.25 -39.86 20.36
C SER B 195 -27.02 -38.66 19.87
N ARG B 196 -27.44 -37.82 20.82
CA ARG B 196 -28.18 -36.61 20.45
C ARG B 196 -27.29 -35.64 19.67
N VAL B 197 -26.02 -35.53 20.07
CA VAL B 197 -25.08 -34.60 19.44
C VAL B 197 -23.94 -35.41 18.83
N THR B 198 -23.64 -35.15 17.56
CA THR B 198 -22.51 -35.74 16.87
C THR B 198 -21.62 -34.60 16.38
N VAL B 199 -20.40 -34.53 16.92
CA VAL B 199 -19.49 -33.42 16.67
C VAL B 199 -18.29 -33.95 15.90
N GLY B 200 -18.05 -33.38 14.73
CA GLY B 200 -16.91 -33.75 13.91
C GLY B 200 -15.77 -32.76 14.08
N VAL B 201 -14.63 -33.26 14.56
CA VAL B 201 -13.43 -32.47 14.72
C VAL B 201 -12.30 -33.11 13.93
N ASP B 202 -12.65 -33.71 12.79
CA ASP B 202 -11.75 -34.61 12.06
C ASP B 202 -10.48 -33.91 11.57
N GLY B 203 -10.45 -32.60 11.52
CA GLY B 203 -9.30 -31.88 11.02
C GLY B 203 -9.49 -31.46 9.57
N ARG B 204 -8.39 -30.99 8.97
CA ARG B 204 -8.45 -30.52 7.60
C ARG B 204 -8.78 -31.66 6.64
N ASN B 205 -8.28 -32.86 6.93
CA ASN B 205 -8.62 -34.05 6.14
C ASN B 205 -9.81 -34.75 6.79
N SER B 206 -10.97 -34.12 6.65
CA SER B 206 -12.18 -34.54 7.34
C SER B 206 -13.04 -35.41 6.43
N THR B 207 -13.47 -36.56 6.94
CA THR B 207 -14.38 -37.43 6.23
C THR B 207 -15.84 -37.06 6.44
N GLU B 209 -16.82 -34.01 6.53
CA GLU B 209 -17.04 -32.75 5.82
C GLU B 209 -18.01 -32.92 4.67
N LYS B 210 -18.07 -34.11 4.08
CA LYS B 210 -18.99 -34.39 2.99
C LYS B 210 -20.07 -35.39 3.35
N LEU B 211 -19.94 -36.11 4.47
CA LEU B 211 -21.06 -36.92 4.95
C LEU B 211 -22.25 -36.04 5.29
N GLY B 212 -21.99 -34.91 5.93
CA GLY B 212 -22.94 -33.80 5.98
C GLY B 212 -22.54 -32.79 4.93
N ASN B 213 -23.52 -32.30 4.18
CA ASN B 213 -23.25 -31.48 3.00
C ASN B 213 -22.80 -30.09 3.43
N PHE B 214 -21.56 -30.01 3.92
CA PHE B 214 -20.97 -28.78 4.41
C PHE B 214 -20.21 -28.08 3.30
N GLU B 215 -20.47 -26.79 3.11
CA GLU B 215 -19.88 -26.01 2.04
C GLU B 215 -18.64 -25.27 2.52
N LEU B 216 -17.65 -25.16 1.64
CA LEU B 216 -16.43 -24.42 1.94
C LEU B 216 -16.59 -22.98 1.47
N GLU B 217 -16.70 -22.06 2.42
CA GLU B 217 -16.80 -20.64 2.08
C GLU B 217 -15.46 -20.04 1.68
N LEU B 218 -14.36 -20.51 2.26
CA LEU B 218 -13.02 -20.09 1.87
C LEU B 218 -12.13 -21.32 1.78
N ASP B 219 -11.30 -21.37 0.74
CA ASP B 219 -10.33 -22.45 0.56
C ASP B 219 -9.08 -21.83 -0.06
N TYR B 220 -8.11 -21.49 0.77
CA TYR B 220 -6.91 -20.79 0.35
C TYR B 220 -5.71 -21.73 0.47
N TYR B 221 -4.89 -21.76 -0.57
CA TYR B 221 -3.65 -22.53 -0.57
C TYR B 221 -2.71 -21.85 -1.56
N ASP B 222 -1.74 -21.10 -1.03
CA ASP B 222 -0.80 -20.36 -1.86
C ASP B 222 0.65 -20.72 -1.64
N ASN B 223 1.01 -21.24 -0.47
CA ASN B 223 2.40 -21.54 -0.15
C ASN B 223 2.48 -22.89 0.54
N ASP B 224 3.70 -23.38 0.68
CA ASP B 224 3.97 -24.62 1.40
C ASP B 224 5.28 -24.46 2.17
N LEU B 225 5.48 -25.34 3.13
CA LEU B 225 6.66 -25.30 3.99
C LEU B 225 7.44 -26.60 3.86
N LEU B 226 8.75 -26.48 3.66
CA LEU B 226 9.64 -27.63 3.62
C LEU B 226 10.32 -27.73 4.98
N TRP B 227 9.94 -28.76 5.75
CA TRP B 227 10.39 -28.93 7.13
C TRP B 227 11.55 -29.91 7.20
N PHE B 228 12.57 -29.54 7.96
CA PHE B 228 13.66 -30.45 8.26
C PHE B 228 14.28 -30.06 9.60
N SER B 229 14.72 -31.06 10.35
CA SER B 229 15.29 -30.85 11.67
C SER B 229 16.80 -31.02 11.63
N PHE B 230 17.51 -30.11 12.30
CA PHE B 230 18.96 -30.19 12.39
C PHE B 230 19.39 -29.93 13.83
N GLU B 231 20.56 -30.45 14.19
CA GLU B 231 21.06 -30.26 15.54
C GLU B 231 21.36 -28.79 15.79
N LYS B 232 21.11 -28.36 17.02
CA LYS B 232 21.23 -26.94 17.35
C LYS B 232 22.69 -26.52 17.39
N PRO B 233 23.08 -25.51 16.62
CA PRO B 233 24.45 -24.97 16.76
C PRO B 233 24.64 -24.33 18.13
N GLU B 234 25.88 -24.40 18.62
CA GLU B 234 26.17 -23.88 19.95
C GLU B 234 25.99 -22.38 20.05
N SER B 235 25.98 -21.65 18.93
CA SER B 235 25.75 -20.22 18.98
C SER B 235 24.28 -19.87 19.24
N TRP B 236 23.37 -20.76 18.86
CA TRP B 236 21.94 -20.48 18.95
C TRP B 236 21.38 -20.88 20.30
N ASP B 237 20.23 -20.30 20.63
CA ASP B 237 19.44 -20.72 21.77
C ASP B 237 18.44 -21.79 21.34
N TYR B 238 17.84 -22.44 22.34
CA TYR B 238 16.87 -23.50 22.04
C TYR B 238 15.45 -22.96 21.93
N ASN B 239 15.00 -22.17 22.90
CA ASN B 239 13.63 -21.67 22.94
C ASN B 239 13.47 -20.45 22.03
N ILE B 240 13.64 -20.68 20.74
CA ILE B 240 13.64 -19.61 19.76
C ILE B 240 12.37 -19.67 18.93
N TYR B 241 12.02 -18.53 18.34
CA TYR B 241 10.97 -18.43 17.33
C TYR B 241 11.48 -17.40 16.32
N HIS B 242 12.18 -17.89 15.30
CA HIS B 242 12.93 -17.01 14.41
C HIS B 242 12.35 -17.07 12.99
N PHE B 243 12.28 -15.91 12.35
CA PHE B 243 11.96 -15.83 10.94
C PHE B 243 13.08 -15.08 10.23
N TYR B 244 13.40 -15.51 9.02
CA TYR B 244 14.50 -14.97 8.25
C TYR B 244 14.04 -14.64 6.84
N PHE B 245 14.16 -13.39 6.45
CA PHE B 245 14.10 -12.99 5.04
C PHE B 245 15.53 -13.03 4.49
N GLN B 246 15.78 -13.93 3.54
CA GLN B 246 17.10 -14.07 2.97
C GLN B 246 17.02 -13.88 1.46
N LYS B 247 18.18 -14.05 0.81
CA LYS B 247 18.27 -13.77 -0.62
C LYS B 247 17.43 -14.75 -1.43
N ASN B 248 17.56 -16.04 -1.16
CA ASN B 248 16.88 -17.05 -1.98
C ASN B 248 15.56 -17.49 -1.36
N TYR B 249 15.57 -17.83 -0.06
CA TYR B 249 14.40 -18.40 0.59
C TYR B 249 14.17 -17.74 1.95
N ASN B 250 12.92 -17.77 2.39
CA ASN B 250 12.55 -17.33 3.73
C ASN B 250 12.47 -18.54 4.66
N TYR B 251 13.05 -18.41 5.85
CA TYR B 251 13.20 -19.53 6.76
C TYR B 251 12.46 -19.26 8.06
N LEU B 252 11.97 -20.33 8.67
CA LEU B 252 11.35 -20.27 10.00
C LEU B 252 12.00 -21.32 10.89
N PHE B 253 12.43 -20.91 12.07
CA PHE B 253 13.14 -21.79 13.00
C PHE B 253 12.38 -21.89 14.32
N LEU B 254 12.11 -23.11 14.74
CA LEU B 254 11.35 -23.43 15.94
C LEU B 254 12.06 -24.53 16.71
N PRO B 255 11.82 -24.63 18.03
CA PRO B 255 12.52 -25.64 18.83
C PRO B 255 11.93 -27.04 18.71
N LYS B 256 12.38 -27.82 17.73
CA LYS B 256 11.95 -29.21 17.63
C LYS B 256 12.29 -29.97 18.91
N LEU B 257 11.38 -30.85 19.31
CA LEU B 257 11.56 -31.63 20.53
C LEU B 257 12.81 -32.49 20.43
N GLY B 258 13.54 -32.58 21.55
CA GLY B 258 14.72 -33.41 21.64
C GLY B 258 16.04 -32.70 21.53
N GLY B 259 16.07 -31.38 21.71
CA GLY B 259 17.32 -30.63 21.57
C GLY B 259 17.69 -30.27 20.16
N TYR B 260 16.79 -30.43 19.21
CA TYR B 260 17.01 -30.09 17.82
C TYR B 260 16.34 -28.77 17.50
N ILE B 261 16.52 -28.31 16.26
CA ILE B 261 15.85 -27.12 15.74
C ILE B 261 15.20 -27.51 14.42
N GLN B 262 13.91 -27.25 14.29
CA GLN B 262 13.17 -27.56 13.08
C GLN B 262 13.03 -26.30 12.25
N CYS B 263 13.30 -26.42 10.96
CA CYS B 263 13.32 -25.30 10.04
C CYS B 263 12.34 -25.55 8.91
N GLY B 264 11.54 -24.54 8.62
CA GLY B 264 10.64 -24.55 7.49
C GLY B 264 11.06 -23.54 6.44
N ILE B 265 11.31 -24.03 5.23
CA ILE B 265 11.62 -23.19 4.09
C ILE B 265 10.31 -22.89 3.37
N SER B 266 10.00 -21.61 3.22
CA SER B 266 8.77 -21.22 2.55
C SER B 266 8.95 -21.31 1.04
N LEU B 267 8.01 -21.99 0.37
CA LEU B 267 8.05 -22.13 -1.07
C LEU B 267 6.66 -21.88 -1.62
N THR B 268 6.60 -21.49 -2.89
CA THR B 268 5.31 -21.31 -3.54
C THR B 268 4.71 -22.67 -3.89
N LYS B 269 3.39 -22.71 -3.98
CA LYS B 269 2.70 -23.93 -4.35
C LYS B 269 3.14 -24.40 -5.73
N GLY B 270 3.49 -25.68 -5.84
CA GLY B 270 3.93 -26.24 -7.09
C GLY B 270 5.36 -25.95 -7.46
N GLU B 271 6.15 -25.40 -6.54
CA GLU B 271 7.54 -25.06 -6.80
C GLU B 271 8.50 -26.13 -6.29
N TYR B 272 8.09 -26.95 -5.31
CA TYR B 272 8.96 -27.98 -4.78
C TYR B 272 9.33 -29.00 -5.85
N GLN B 273 8.39 -29.33 -6.75
CA GLN B 273 8.71 -30.23 -7.85
C GLN B 273 9.76 -29.65 -8.78
N LYS B 274 9.70 -28.34 -9.04
CA LYS B 274 10.72 -27.69 -9.84
C LYS B 274 12.08 -27.76 -9.16
N ILE B 275 12.10 -27.60 -7.83
CA ILE B 275 13.36 -27.70 -7.09
C ILE B 275 13.91 -29.12 -7.16
N LYS B 276 13.03 -30.12 -7.05
CA LYS B 276 13.48 -31.51 -7.16
C LYS B 276 14.04 -31.80 -8.55
N LYS B 277 13.39 -31.29 -9.58
CA LYS B 277 13.91 -31.46 -10.93
C LYS B 277 15.24 -30.78 -11.09
N GLU B 278 15.38 -29.58 -10.58
CA GLU B 278 16.61 -28.81 -10.75
C GLU B 278 17.81 -29.51 -10.13
N GLY B 279 17.59 -30.32 -9.11
CA GLY B 279 18.68 -31.05 -8.51
C GLY B 279 18.89 -30.67 -7.06
N ILE B 280 19.40 -31.64 -6.28
CA ILE B 280 19.63 -31.40 -4.86
C ILE B 280 20.82 -30.46 -4.64
N GLU B 281 21.82 -30.50 -5.54
CA GLU B 281 23.03 -29.70 -5.34
C GLU B 281 22.73 -28.22 -5.40
N SER B 282 21.92 -27.79 -6.38
CA SER B 282 21.56 -26.38 -6.47
C SER B 282 20.76 -25.94 -5.26
N PHE B 283 19.84 -26.78 -4.79
CA PHE B 283 19.06 -26.46 -3.59
C PHE B 283 19.97 -26.29 -2.39
N LYS B 284 20.93 -27.20 -2.21
CA LYS B 284 21.85 -27.11 -1.09
C LYS B 284 22.71 -25.86 -1.19
N GLU B 285 23.17 -25.52 -2.40
CA GLU B 285 23.99 -24.33 -2.56
C GLU B 285 23.21 -23.07 -2.25
N LYS B 286 21.96 -22.98 -2.71
CA LYS B 286 21.17 -21.79 -2.43
C LYS B 286 20.77 -21.71 -0.96
N ILE B 287 20.59 -22.86 -0.30
CA ILE B 287 20.29 -22.83 1.13
C ILE B 287 21.50 -22.41 1.95
N LEU B 288 22.67 -22.95 1.63
CA LEU B 288 23.88 -22.61 2.39
C LEU B 288 24.33 -21.19 2.10
N GLU B 289 24.01 -20.66 0.91
CA GLU B 289 24.29 -19.24 0.66
C GLU B 289 23.43 -18.35 1.57
N ASP B 290 22.15 -18.70 1.73
CA ASP B 290 21.27 -17.92 2.60
C ASP B 290 21.64 -18.09 4.06
N PRO B 292 24.50 -19.90 6.06
CA PRO B 292 25.74 -20.69 6.11
C PRO B 292 25.88 -21.55 7.35
N ILE B 293 25.13 -21.26 8.42
CA ILE B 293 25.20 -22.06 9.64
C ILE B 293 24.66 -23.47 9.42
N LEU B 294 23.92 -23.70 8.33
CA LEU B 294 23.36 -25.02 8.04
C LEU B 294 24.33 -25.94 7.32
N LYS B 295 25.60 -25.55 7.21
CA LYS B 295 26.56 -26.34 6.42
C LYS B 295 26.76 -27.72 7.02
N GLN B 296 26.87 -27.80 8.34
CA GLN B 296 27.14 -29.07 9.00
C GLN B 296 26.02 -30.08 8.76
N HIS B 297 24.77 -29.63 8.87
CA HIS B 297 23.65 -30.53 8.63
C HIS B 297 23.59 -30.96 7.16
N PHE B 298 23.81 -30.02 6.25
CA PHE B 298 23.72 -30.32 4.83
C PHE B 298 24.91 -31.10 4.31
N ASP B 299 25.96 -31.26 5.12
CA ASP B 299 27.07 -32.13 4.74
C ASP B 299 26.66 -33.58 4.58
N THR B 300 25.55 -34.00 5.18
CA THR B 300 25.06 -35.36 5.07
C THR B 300 23.71 -35.45 4.36
N VAL B 301 23.26 -34.37 3.72
CA VAL B 301 22.02 -34.37 2.97
C VAL B 301 22.36 -34.57 1.50
N THR B 302 21.92 -35.69 0.94
CA THR B 302 22.21 -36.03 -0.45
C THR B 302 20.94 -36.22 -1.28
N ASP B 303 19.77 -36.01 -0.71
CA ASP B 303 18.52 -36.24 -1.42
C ASP B 303 17.40 -35.47 -0.75
N PHE B 304 16.23 -35.49 -1.38
CA PHE B 304 15.05 -34.78 -0.91
C PHE B 304 14.18 -35.61 0.02
N LYS B 305 14.56 -36.84 0.33
CA LYS B 305 13.76 -37.73 1.15
C LYS B 305 13.95 -37.52 2.64
N SER B 306 14.51 -36.38 3.05
CA SER B 306 14.53 -36.00 4.45
C SER B 306 13.64 -34.79 4.76
N PHE B 307 13.43 -33.91 3.78
CA PHE B 307 12.51 -32.80 3.94
C PHE B 307 11.07 -33.30 3.84
N VAL B 308 10.18 -32.65 4.58
CA VAL B 308 8.76 -33.00 4.60
C VAL B 308 7.96 -31.80 4.12
N GLN B 309 7.03 -32.04 3.20
CA GLN B 309 6.24 -30.97 2.62
C GLN B 309 4.95 -30.79 3.40
N LEU B 310 4.69 -29.55 3.84
CA LEU B 310 3.46 -29.17 4.51
C LEU B 310 2.68 -28.21 3.63
N LEU B 311 1.43 -28.53 3.37
CA LEU B 311 0.56 -27.70 2.55
C LEU B 311 -0.15 -26.68 3.43
N CYS B 312 0.17 -25.40 3.23
CA CYS B 312 -0.38 -24.32 4.04
C CYS B 312 -1.80 -24.02 3.57
N ARG B 313 -2.73 -24.85 4.01
CA ARG B 313 -4.13 -24.72 3.62
C ARG B 313 -4.91 -23.97 4.71
N ARG B 315 -9.04 -23.03 5.53
CA ARG B 315 -10.40 -23.33 5.13
C ARG B 315 -11.38 -22.71 6.11
N TYR B 316 -12.58 -22.39 5.61
CA TYR B 316 -13.66 -21.87 6.43
C TYR B 316 -14.97 -22.46 5.91
N ILE B 317 -15.72 -23.10 6.79
CA ILE B 317 -16.99 -23.70 6.41
C ILE B 317 -18.07 -22.62 6.37
N LYS B 318 -18.95 -22.70 5.38
CA LYS B 318 -20.03 -21.72 5.23
C LYS B 318 -20.88 -21.64 6.49
N ASP B 319 -21.32 -22.79 7.01
CA ASP B 319 -22.12 -22.83 8.22
C ASP B 319 -21.82 -24.13 8.94
N TRP B 320 -21.28 -24.03 10.16
CA TRP B 320 -20.84 -25.22 10.88
C TRP B 320 -22.00 -26.07 11.36
N ALA B 321 -23.19 -25.49 11.50
CA ALA B 321 -24.39 -26.24 11.89
C ALA B 321 -25.45 -26.02 10.83
N LYS B 322 -25.80 -27.08 10.10
CA LYS B 322 -26.84 -27.02 9.10
C LYS B 322 -27.86 -28.13 9.22
N GLU B 323 -27.62 -29.14 10.06
CA GLU B 323 -28.56 -30.20 10.33
C GLU B 323 -28.66 -30.40 11.83
N GLU B 324 -29.84 -30.84 12.27
CA GLU B 324 -30.05 -31.06 13.70
C GLU B 324 -29.28 -32.31 14.15
N GLY B 325 -28.53 -32.17 15.24
CA GLY B 325 -27.77 -33.28 15.78
C GLY B 325 -26.40 -33.49 15.18
N CYS B 326 -25.91 -32.56 14.36
CA CYS B 326 -24.58 -32.67 13.77
C CYS B 326 -23.90 -31.31 13.83
N LEU B 328 -19.74 -29.31 12.98
CA LEU B 328 -18.33 -29.32 12.60
C LEU B 328 -17.63 -28.18 13.31
N ILE B 329 -16.64 -28.52 14.15
CA ILE B 329 -15.87 -27.51 14.87
C ILE B 329 -14.40 -27.88 14.80
N GLY B 330 -13.54 -26.89 15.04
CA GLY B 330 -12.11 -27.12 15.07
C GLY B 330 -11.46 -26.98 13.70
N ASP B 331 -10.40 -27.76 13.46
CA ASP B 331 -9.70 -27.70 12.19
C ASP B 331 -10.58 -28.15 11.03
N ALA B 332 -11.60 -28.97 11.32
CA ALA B 332 -12.55 -29.35 10.27
C ALA B 332 -13.36 -28.15 9.78
N ALA B 333 -13.40 -27.08 10.54
CA ALA B 333 -14.17 -25.89 10.19
C ALA B 333 -13.32 -24.67 9.89
N HIS B 334 -12.27 -24.40 10.68
CA HIS B 334 -11.52 -23.16 10.57
C HIS B 334 -10.00 -23.41 10.63
N CYS B 335 -9.50 -24.37 9.85
CA CYS B 335 -8.06 -24.59 9.78
C CYS B 335 -7.37 -23.35 9.22
N VAL B 336 -6.18 -23.05 9.76
CA VAL B 336 -5.44 -21.84 9.43
C VAL B 336 -3.97 -22.19 9.20
N THR B 337 -3.23 -21.19 8.69
CA THR B 337 -1.81 -21.30 8.44
C THR B 337 -1.01 -21.18 9.73
N PRO B 338 0.22 -21.73 9.77
CA PRO B 338 0.98 -21.72 11.01
C PRO B 338 1.82 -20.47 11.23
N TRP B 339 1.23 -19.29 11.06
CA TRP B 339 1.93 -18.02 11.27
C TRP B 339 1.38 -17.38 12.54
N GLY B 340 2.08 -17.60 13.66
CA GLY B 340 1.65 -17.16 14.96
C GLY B 340 1.23 -18.28 15.89
N ALA B 341 1.23 -19.52 15.42
CA ALA B 341 0.85 -20.69 16.22
C ALA B 341 -0.58 -20.58 16.73
N VAL B 342 -1.49 -20.08 15.88
CA VAL B 342 -2.85 -19.79 16.32
C VAL B 342 -3.81 -20.95 16.12
N GLY B 343 -3.43 -21.98 15.34
CA GLY B 343 -4.38 -22.99 14.95
C GLY B 343 -4.91 -23.81 16.11
N SER B 344 -4.01 -24.36 16.93
CA SER B 344 -4.42 -25.20 18.04
C SER B 344 -5.23 -24.43 19.07
N THR B 345 -4.78 -23.21 19.41
CA THR B 345 -5.52 -22.41 20.38
C THR B 345 -6.88 -22.01 19.85
N LEU B 346 -6.98 -21.67 18.56
CA LEU B 346 -8.28 -21.35 17.97
C LEU B 346 -9.22 -22.54 18.02
N ALA B 347 -8.70 -23.73 17.69
CA ALA B 347 -9.52 -24.93 17.75
C ALA B 347 -9.98 -25.22 19.17
N GLY B 349 -10.37 -23.02 21.65
CA GLY B 349 -11.39 -22.05 22.00
C GLY B 349 -12.74 -22.40 21.40
N THR B 350 -12.74 -22.84 20.14
CA THR B 350 -13.99 -23.29 19.52
C THR B 350 -14.57 -24.48 20.26
N ALA B 351 -13.71 -25.42 20.68
CA ALA B 351 -14.18 -26.57 21.44
C ALA B 351 -14.77 -26.15 22.78
N VAL B 352 -14.16 -25.17 23.45
CA VAL B 352 -14.68 -24.70 24.73
C VAL B 352 -16.05 -24.06 24.54
N ILE B 353 -16.20 -23.21 23.51
CA ILE B 353 -17.49 -22.58 23.26
C ILE B 353 -18.54 -23.64 22.92
N ALA B 354 -18.15 -24.65 22.13
CA ALA B 354 -19.07 -25.73 21.79
C ALA B 354 -19.49 -26.50 23.04
N ALA B 355 -18.55 -26.74 23.96
CA ALA B 355 -18.90 -27.41 25.20
C ALA B 355 -19.90 -26.61 26.00
N ASP B 356 -19.70 -25.29 26.08
CA ASP B 356 -20.65 -24.43 26.79
C ASP B 356 -22.04 -24.51 26.17
N VAL B 357 -22.09 -24.41 24.83
CA VAL B 357 -23.39 -24.43 24.15
C VAL B 357 -24.08 -25.78 24.33
N ILE B 358 -23.33 -26.87 24.20
CA ILE B 358 -23.91 -28.20 24.33
C ILE B 358 -24.41 -28.45 25.74
N TYR B 359 -23.63 -28.02 26.75
CA TYR B 359 -24.08 -28.17 28.13
C TYR B 359 -25.34 -27.36 28.38
N LYS B 360 -25.40 -26.13 27.86
CA LYS B 360 -26.60 -25.32 28.03
C LYS B 360 -27.81 -25.99 27.38
N GLY B 361 -27.62 -26.53 26.16
CA GLY B 361 -28.73 -27.19 25.48
C GLY B 361 -29.20 -28.44 26.21
N PHE B 362 -28.26 -29.23 26.73
CA PHE B 362 -28.63 -30.42 27.48
C PHE B 362 -29.37 -30.04 28.77
N LYS B 363 -28.92 -28.99 29.45
CA LYS B 363 -29.61 -28.53 30.65
C LYS B 363 -31.01 -28.06 30.33
N ASN B 364 -31.19 -27.34 29.23
CA ASN B 364 -32.49 -26.82 28.85
C ASN B 364 -33.30 -27.78 28.00
N ASN B 365 -32.80 -28.99 27.74
CA ASN B 365 -33.48 -29.98 26.92
C ASN B 365 -33.83 -29.43 25.54
N ASP B 366 -32.89 -28.69 24.95
CA ASP B 366 -33.10 -28.08 23.64
C ASP B 366 -31.78 -28.15 22.89
N LEU B 367 -31.65 -29.17 22.03
CA LEU B 367 -30.46 -29.38 21.23
C LEU B 367 -30.80 -29.35 19.74
N SER B 368 -31.62 -28.38 19.34
CA SER B 368 -32.04 -28.25 17.95
C SER B 368 -30.94 -27.60 17.12
N LEU B 369 -31.25 -27.29 15.87
CA LEU B 369 -30.28 -26.66 14.99
C LEU B 369 -30.02 -25.22 15.40
N GLU B 370 -31.03 -24.53 15.94
CA GLU B 370 -30.86 -23.13 16.31
C GLU B 370 -29.82 -22.96 17.41
N THR B 371 -29.89 -23.80 18.45
CA THR B 371 -28.90 -23.69 19.53
C THR B 371 -27.53 -24.18 19.06
N LEU B 372 -27.48 -25.17 18.18
CA LEU B 372 -26.21 -25.62 17.64
C LEU B 372 -25.57 -24.53 16.78
N LYS B 373 -26.38 -23.65 16.19
CA LYS B 373 -25.87 -22.54 15.41
C LYS B 373 -25.30 -21.41 16.27
N GLN B 374 -25.22 -21.59 17.59
CA GLN B 374 -24.68 -20.55 18.46
C GLN B 374 -23.16 -20.57 18.54
N VAL B 375 -22.56 -21.76 18.34
CA VAL B 375 -21.10 -21.87 18.39
C VAL B 375 -20.46 -21.03 17.30
N GLN B 376 -21.01 -21.10 16.09
CA GLN B 376 -20.48 -20.28 15.00
C GLN B 376 -20.67 -18.80 15.28
N SER B 377 -21.84 -18.41 15.79
CA SER B 377 -22.07 -17.00 16.09
C SER B 377 -21.15 -16.48 17.18
N ARG B 378 -20.73 -17.36 18.10
CA ARG B 378 -19.86 -16.95 19.19
C ARG B 378 -18.38 -17.02 18.84
N ARG B 379 -18.00 -17.79 17.83
CA ARG B 379 -16.60 -17.89 17.41
C ARG B 379 -16.30 -17.12 16.12
N LYS B 380 -17.32 -16.55 15.48
CA LYS B 380 -17.19 -16.05 14.11
C LYS B 380 -16.19 -14.91 14.03
N GLU B 381 -16.37 -13.87 14.86
CA GLU B 381 -15.53 -12.68 14.71
C GLU B 381 -14.08 -12.98 15.02
N GLU B 382 -13.81 -13.77 16.06
CA GLU B 382 -12.44 -14.12 16.40
C GLU B 382 -11.80 -14.93 15.29
N VAL B 383 -12.52 -15.96 14.79
CA VAL B 383 -11.95 -16.82 13.76
C VAL B 383 -11.67 -16.02 12.49
N LYS B 384 -12.62 -15.17 12.09
CA LYS B 384 -12.46 -14.44 10.83
C LYS B 384 -11.37 -13.38 10.94
N ILE B 386 -8.73 -13.60 12.86
CA ILE B 386 -7.48 -14.33 12.84
C ILE B 386 -7.13 -14.77 11.42
N GLN B 387 -8.12 -15.22 10.66
CA GLN B 387 -7.86 -15.65 9.28
C GLN B 387 -7.45 -14.48 8.40
N ASN B 388 -8.07 -13.31 8.59
CA ASN B 388 -7.67 -12.14 7.82
C ASN B 388 -6.25 -11.70 8.16
N LEU B 389 -5.89 -11.76 9.45
CA LEU B 389 -4.51 -11.49 9.83
C LEU B 389 -3.54 -12.49 9.20
N GLN B 390 -3.95 -13.76 9.14
CA GLN B 390 -3.11 -14.77 8.50
C GLN B 390 -2.94 -14.48 7.02
N LEU B 391 -4.00 -14.04 6.35
CA LEU B 391 -3.88 -13.66 4.93
C LEU B 391 -2.92 -12.51 4.75
N THR B 392 -3.02 -11.49 5.62
CA THR B 392 -2.10 -10.35 5.54
C THR B 392 -0.66 -10.81 5.75
N ILE B 393 -0.42 -11.67 6.74
CA ILE B 393 0.92 -12.15 7.00
C ILE B 393 1.45 -12.96 5.83
N GLU B 394 0.60 -13.83 5.26
CA GLU B 394 1.02 -14.63 4.12
C GLU B 394 1.32 -13.78 2.89
N LYS B 395 0.72 -12.59 2.82
CA LYS B 395 1.03 -11.69 1.71
C LYS B 395 2.51 -11.30 1.69
N PHE B 396 3.19 -11.38 2.84
CA PHE B 396 4.61 -11.06 2.91
C PHE B 396 5.51 -12.19 2.41
N LEU B 397 4.96 -13.35 2.12
CA LEU B 397 5.73 -14.50 1.66
C LEU B 397 5.88 -14.56 0.15
N THR B 398 5.55 -13.49 -0.55
CA THR B 398 5.58 -13.50 -2.01
C THR B 398 6.99 -13.75 -2.52
N ARG B 399 7.08 -14.54 -3.60
CA ARG B 399 8.33 -14.82 -4.29
C ARG B 399 8.33 -14.28 -5.71
N GLU B 400 7.43 -13.35 -6.01
CA GLU B 400 7.36 -12.76 -7.34
C GLU B 400 8.59 -11.89 -7.60
N PRO B 401 8.95 -11.69 -8.87
CA PRO B 401 10.24 -11.06 -9.20
C PRO B 401 10.59 -9.79 -8.42
N ILE B 402 9.72 -8.79 -8.44
CA ILE B 402 10.05 -7.49 -7.84
C ILE B 402 9.61 -7.48 -6.38
N LYS B 403 8.44 -8.06 -6.10
CA LYS B 403 7.90 -8.01 -4.75
C LYS B 403 8.74 -8.80 -3.75
N LYS B 404 9.50 -9.79 -4.23
CA LYS B 404 10.29 -10.61 -3.31
C LYS B 404 11.37 -9.80 -2.61
N GLU B 405 11.93 -8.79 -3.27
CA GLU B 405 13.05 -8.05 -2.71
C GLU B 405 12.62 -6.86 -1.86
N ILE B 406 11.41 -6.35 -2.05
CA ILE B 406 10.91 -5.26 -1.22
C ILE B 406 10.03 -5.74 -0.08
N ALA B 407 9.62 -7.01 -0.08
CA ALA B 407 8.75 -7.54 0.97
C ALA B 407 9.34 -7.40 2.37
N PRO B 408 10.60 -7.77 2.63
CA PRO B 408 11.13 -7.58 3.99
C PRO B 408 11.07 -6.14 4.47
N LEU B 409 11.42 -5.20 3.59
CA LEU B 409 11.41 -3.79 3.97
C LEU B 409 10.01 -3.33 4.32
N PHE B 411 7.79 -5.21 5.57
CA PHE B 411 7.60 -5.78 6.90
C PHE B 411 8.19 -4.87 7.96
N SER B 412 9.39 -4.34 7.72
CA SER B 412 9.99 -3.43 8.69
C SER B 412 9.13 -2.19 8.88
N ILE B 413 8.63 -1.62 7.78
CA ILE B 413 7.74 -0.46 7.91
C ILE B 413 6.50 -0.85 8.71
N ALA B 414 6.02 -2.08 8.53
CA ALA B 414 4.86 -2.51 9.29
C ALA B 414 5.16 -2.58 10.78
N THR B 415 6.38 -2.99 11.14
CA THR B 415 6.68 -3.22 12.55
C THR B 415 7.04 -1.95 13.29
N LYS B 416 7.23 -0.84 12.59
CA LYS B 416 7.57 0.43 13.20
C LYS B 416 6.40 1.38 13.35
N PRO B 418 3.03 2.98 15.00
CA PRO B 418 2.56 3.09 16.40
C PRO B 418 1.48 2.08 16.75
N ASP B 419 0.66 1.69 15.78
CA ASP B 419 -0.49 0.82 16.01
C ASP B 419 -0.09 -0.64 16.15
N ILE B 420 1.13 -1.00 15.74
CA ILE B 420 1.50 -2.41 15.53
C ILE B 420 1.26 -3.25 16.79
N THR B 421 1.47 -2.66 17.97
CA THR B 421 1.34 -3.44 19.20
C THR B 421 -0.08 -3.98 19.37
N ASN B 422 -1.08 -3.18 19.01
CA ASN B 422 -2.46 -3.66 19.04
C ASN B 422 -2.61 -4.89 18.17
N LEU B 423 -2.01 -4.87 16.97
CA LEU B 423 -2.04 -6.03 16.11
C LEU B 423 -1.44 -7.24 16.81
N TYR B 424 -0.33 -7.05 17.53
CA TYR B 424 0.23 -8.14 18.32
C TYR B 424 -0.81 -8.69 19.27
N LYS B 425 -1.50 -7.81 20.00
CA LYS B 425 -2.52 -8.26 20.93
C LYS B 425 -3.64 -8.98 20.22
N LYS B 426 -3.91 -8.63 18.96
CA LYS B 426 -4.95 -9.33 18.22
C LYS B 426 -4.48 -10.70 17.73
N LEU B 427 -3.18 -10.88 17.57
CA LEU B 427 -2.65 -12.10 16.97
C LEU B 427 -2.21 -13.14 18.00
N PHE B 428 -1.74 -12.71 19.18
CA PHE B 428 -1.15 -13.62 20.14
C PHE B 428 -1.92 -13.77 21.44
N THR B 429 -2.80 -12.83 21.78
CA THR B 429 -3.50 -12.87 23.05
C THR B 429 -4.99 -12.72 22.85
N ARG B 430 -5.75 -13.08 23.88
CA ARG B 430 -7.19 -12.95 23.90
C ARG B 430 -7.58 -11.80 24.81
N GLU B 431 -8.42 -10.89 24.30
CA GLU B 431 -8.76 -9.69 25.05
C GLU B 431 -9.53 -10.03 26.32
N PHE B 432 -10.56 -10.85 26.21
CA PHE B 432 -11.38 -11.26 27.34
C PHE B 432 -11.50 -12.78 27.37
N PRO B 433 -11.67 -13.36 28.55
CA PRO B 433 -11.84 -14.81 28.63
C PRO B 433 -13.15 -15.26 28.01
N LEU B 434 -13.20 -16.53 27.65
CA LEU B 434 -14.40 -17.10 27.03
C LEU B 434 -15.56 -17.04 28.01
N ASP B 435 -16.73 -16.69 27.48
CA ASP B 435 -17.96 -16.57 28.29
C ASP B 435 -18.54 -17.97 28.47
N ILE B 436 -18.14 -18.64 29.55
CA ILE B 436 -18.54 -20.01 29.81
C ILE B 436 -19.04 -20.13 31.24
N ASP B 437 -19.74 -21.23 31.49
CA ASP B 437 -20.32 -21.49 32.81
C ASP B 437 -19.20 -21.81 33.81
N GLU B 438 -19.49 -21.55 35.09
CA GLU B 438 -18.47 -21.70 36.12
C GLU B 438 -18.13 -23.15 36.41
N SER B 439 -19.06 -24.08 36.11
CA SER B 439 -18.79 -25.49 36.40
C SER B 439 -17.73 -26.07 35.48
N PHE B 440 -17.36 -25.37 34.41
CA PHE B 440 -16.28 -25.82 33.54
C PHE B 440 -14.90 -25.57 34.16
N ILE B 441 -14.83 -24.85 35.27
CA ILE B 441 -13.54 -24.57 35.91
C ILE B 441 -13.15 -25.75 36.77
N PHE B 442 -11.96 -26.28 36.54
CA PHE B 442 -11.48 -27.44 37.30
C PHE B 442 -11.02 -27.02 38.68
N HIS B 443 -11.11 -27.94 39.63
CA HIS B 443 -10.70 -27.69 41.00
C HIS B 443 -9.78 -28.78 41.51
N LYS C 27 -56.31 -2.49 -4.12
CA LYS C 27 -56.98 -3.65 -4.70
C LYS C 27 -56.06 -4.88 -4.68
N GLU C 28 -56.53 -5.97 -5.29
CA GLU C 28 -55.77 -7.21 -5.39
C GLU C 28 -55.42 -7.41 -6.86
N VAL C 29 -54.13 -7.33 -7.18
CA VAL C 29 -53.62 -7.65 -8.51
C VAL C 29 -52.54 -8.72 -8.35
N GLN C 30 -52.49 -9.63 -9.31
CA GLN C 30 -51.59 -10.78 -9.26
C GLN C 30 -50.69 -10.76 -10.49
N SER C 31 -49.41 -11.06 -10.29
CA SER C 31 -48.44 -11.06 -11.37
C SER C 31 -47.43 -12.18 -11.10
N ASP C 32 -46.29 -12.13 -11.77
CA ASP C 32 -45.24 -13.13 -11.64
C ASP C 32 -44.03 -12.65 -10.88
N VAL C 33 -43.53 -11.45 -11.18
CA VAL C 33 -42.33 -10.90 -10.56
C VAL C 33 -42.66 -9.53 -9.98
N CYS C 34 -42.25 -9.30 -8.73
CA CYS C 34 -42.41 -8.01 -8.07
C CYS C 34 -41.04 -7.53 -7.62
N ILE C 35 -40.56 -6.45 -8.21
CA ILE C 35 -39.26 -5.88 -7.91
C ILE C 35 -39.48 -4.62 -7.08
N VAL C 36 -39.07 -4.66 -5.81
CA VAL C 36 -39.19 -3.52 -4.92
C VAL C 36 -37.97 -2.64 -5.13
N GLY C 37 -38.19 -1.43 -5.63
CA GLY C 37 -37.09 -0.53 -5.94
C GLY C 37 -36.93 -0.31 -7.42
N ALA C 38 -36.91 0.95 -7.84
CA ALA C 38 -36.73 1.32 -9.23
C ALA C 38 -35.33 1.84 -9.51
N GLY C 39 -34.32 1.28 -8.86
CA GLY C 39 -32.97 1.68 -9.10
C GLY C 39 -32.45 1.15 -10.42
N PRO C 40 -31.18 1.44 -10.71
CA PRO C 40 -30.60 0.95 -11.97
C PRO C 40 -30.63 -0.56 -12.09
N ALA C 41 -30.49 -1.28 -10.97
CA ALA C 41 -30.55 -2.74 -11.01
C ALA C 41 -31.96 -3.21 -11.33
N GLY C 42 -32.92 -2.88 -10.46
CA GLY C 42 -34.27 -3.38 -10.64
C GLY C 42 -34.86 -2.99 -11.98
N LEU C 44 -33.29 -2.42 -14.73
CA LEU C 44 -32.74 -3.37 -15.69
C LEU C 44 -33.46 -4.70 -15.58
N LEU C 45 -33.52 -5.26 -14.36
CA LEU C 45 -34.28 -6.46 -14.13
C LEU C 45 -35.74 -6.28 -14.50
N GLY C 46 -36.23 -5.03 -14.51
CA GLY C 46 -37.59 -4.79 -14.94
C GLY C 46 -37.81 -5.16 -16.39
N LEU C 47 -36.91 -4.75 -17.28
CA LEU C 47 -37.18 -4.93 -18.70
C LEU C 47 -36.63 -6.24 -19.24
N LEU C 48 -35.57 -6.79 -18.64
CA LEU C 48 -35.03 -8.05 -19.08
C LEU C 48 -36.08 -9.15 -18.98
N LEU C 49 -36.82 -9.18 -17.87
CA LEU C 49 -37.94 -10.10 -17.76
C LEU C 49 -39.11 -9.65 -18.63
N ALA C 50 -39.27 -8.34 -18.83
CA ALA C 50 -40.40 -7.83 -19.58
C ALA C 50 -40.37 -8.35 -21.02
N LYS C 51 -39.20 -8.36 -21.64
CA LYS C 51 -39.07 -8.90 -22.99
C LYS C 51 -39.21 -10.41 -23.03
N GLN C 52 -39.16 -11.09 -21.88
CA GLN C 52 -39.32 -12.53 -21.85
C GLN C 52 -40.78 -12.96 -21.79
N GLY C 53 -41.71 -12.03 -21.68
CA GLY C 53 -43.12 -12.36 -21.59
C GLY C 53 -43.64 -12.57 -20.19
N LEU C 54 -42.93 -12.10 -19.18
CA LEU C 54 -43.35 -12.29 -17.79
C LEU C 54 -44.08 -11.06 -17.27
N GLU C 55 -45.00 -11.30 -16.34
CA GLU C 55 -45.76 -10.23 -15.68
C GLU C 55 -44.87 -9.62 -14.62
N VAL C 56 -44.45 -8.36 -14.83
CA VAL C 56 -43.46 -7.70 -13.99
C VAL C 56 -44.07 -6.43 -13.44
N ILE C 57 -43.96 -6.23 -12.12
CA ILE C 57 -44.32 -4.98 -11.48
C ILE C 57 -43.13 -4.48 -10.67
N VAL C 58 -42.75 -3.22 -10.90
CA VAL C 58 -41.62 -2.59 -10.24
C VAL C 58 -42.14 -1.42 -9.43
N LEU C 59 -41.80 -1.40 -8.14
CA LEU C 59 -42.31 -0.39 -7.21
C LEU C 59 -41.20 0.56 -6.81
N GLU C 60 -41.51 1.84 -6.70
CA GLU C 60 -40.59 2.80 -6.11
C GLU C 60 -41.31 3.70 -5.12
N GLN C 61 -40.65 3.98 -4.00
CA GLN C 61 -41.24 4.85 -2.99
C GLN C 61 -41.16 6.31 -3.41
N ASN C 62 -40.15 6.67 -4.18
CA ASN C 62 -39.99 8.06 -4.63
C ASN C 62 -40.99 8.38 -5.72
N GLY C 63 -40.97 9.63 -6.18
CA GLY C 63 -41.86 10.07 -7.23
C GLY C 63 -41.27 9.90 -8.61
N ASP C 64 -39.94 9.85 -8.70
CA ASP C 64 -39.24 9.70 -9.96
C ASP C 64 -37.79 9.34 -9.65
N PHE C 65 -36.94 9.35 -10.68
CA PHE C 65 -35.52 9.06 -10.53
C PHE C 65 -34.70 10.28 -10.17
N HIS C 66 -35.30 11.47 -10.13
CA HIS C 66 -34.59 12.71 -9.82
C HIS C 66 -34.62 13.06 -8.34
N ARG C 67 -35.36 12.31 -7.51
CA ARG C 67 -35.55 12.71 -6.12
C ARG C 67 -34.23 12.67 -5.35
N GLU C 68 -33.42 11.64 -5.56
CA GLU C 68 -32.18 11.46 -4.82
C GLU C 68 -31.01 11.35 -5.79
N TYR C 69 -29.88 11.94 -5.42
CA TYR C 69 -28.66 11.89 -6.22
C TYR C 69 -27.86 10.66 -5.82
N ARG C 70 -27.71 9.72 -6.75
CA ARG C 70 -27.04 8.45 -6.48
C ARG C 70 -25.80 8.27 -7.35
N GLY C 71 -25.17 9.36 -7.76
CA GLY C 71 -23.92 9.31 -8.49
C GLY C 71 -24.10 9.42 -9.99
N GLU C 72 -22.97 9.64 -10.67
CA GLU C 72 -22.97 9.85 -12.11
C GLU C 72 -21.91 9.02 -12.82
N ILE C 73 -20.83 8.68 -12.12
CA ILE C 73 -19.69 8.04 -12.76
C ILE C 73 -19.93 6.55 -12.91
N THR C 74 -19.54 6.01 -14.06
CA THR C 74 -19.66 4.58 -14.37
C THR C 74 -18.29 4.03 -14.71
N GLN C 75 -18.26 2.79 -15.15
CA GLN C 75 -17.06 2.00 -15.32
C GLN C 75 -17.01 1.40 -16.72
N PRO C 76 -15.83 1.00 -17.19
CA PRO C 76 -15.76 0.23 -18.44
C PRO C 76 -16.53 -1.08 -18.38
N ARG C 77 -16.72 -1.62 -17.18
CA ARG C 77 -17.57 -2.79 -17.00
C ARG C 77 -19.00 -2.48 -17.45
N PHE C 78 -19.46 -1.25 -17.19
CA PHE C 78 -20.79 -0.84 -17.65
C PHE C 78 -20.88 -0.86 -19.16
N VAL C 79 -19.84 -0.37 -19.84
CA VAL C 79 -19.81 -0.41 -21.30
C VAL C 79 -19.80 -1.85 -21.79
N GLN C 80 -19.02 -2.71 -21.12
CA GLN C 80 -18.99 -4.12 -21.48
C GLN C 80 -20.39 -4.73 -21.41
N LEU C 81 -21.09 -4.49 -20.30
CA LEU C 81 -22.42 -5.07 -20.14
C LEU C 81 -23.41 -4.50 -21.15
N LYS C 83 -22.75 -3.36 -24.19
CA LYS C 83 -22.49 -3.99 -25.48
C LYS C 83 -22.91 -5.46 -25.48
N GLN C 84 -22.76 -6.14 -24.36
CA GLN C 84 -23.17 -7.54 -24.27
C GLN C 84 -24.68 -7.68 -24.44
N LEU C 85 -25.45 -6.75 -23.87
CA LEU C 85 -26.89 -6.73 -24.07
C LEU C 85 -27.31 -6.03 -25.35
N ASN C 86 -26.35 -5.54 -26.15
CA ASN C 86 -26.59 -4.79 -27.37
C ASN C 86 -27.32 -3.47 -27.12
N LEU C 87 -27.12 -2.87 -25.95
CA LEU C 87 -27.70 -1.58 -25.62
C LEU C 87 -26.69 -0.44 -25.65
N LEU C 88 -25.45 -0.71 -26.10
CA LEU C 88 -24.41 0.31 -26.04
C LEU C 88 -24.75 1.51 -26.91
N ASP C 89 -25.21 1.26 -28.13
CA ASP C 89 -25.54 2.36 -29.03
C ASP C 89 -26.75 3.16 -28.52
N TYR C 90 -27.74 2.46 -27.97
CA TYR C 90 -28.92 3.13 -27.47
C TYR C 90 -28.61 3.95 -26.22
N ILE C 91 -27.76 3.41 -25.34
CA ILE C 91 -27.36 4.14 -24.14
C ILE C 91 -26.51 5.35 -24.53
N GLU C 92 -25.61 5.19 -25.50
CA GLU C 92 -24.70 6.26 -25.87
C GLU C 92 -25.39 7.42 -26.56
N SER C 93 -26.62 7.22 -27.05
CA SER C 93 -27.33 8.29 -27.74
C SER C 93 -27.78 9.39 -26.78
N ASN C 94 -27.78 9.12 -25.48
CA ASN C 94 -28.18 10.11 -24.49
C ASN C 94 -27.01 11.03 -24.17
N SER C 95 -27.20 11.92 -23.21
CA SER C 95 -26.15 12.85 -22.81
C SER C 95 -25.19 12.18 -21.83
N HIS C 96 -23.91 12.23 -22.14
CA HIS C 96 -22.89 11.57 -21.34
C HIS C 96 -21.54 12.24 -21.59
N VAL C 97 -20.59 11.94 -20.72
CA VAL C 97 -19.21 12.39 -20.90
C VAL C 97 -18.29 11.19 -20.76
N LYS C 98 -17.32 11.07 -21.66
CA LYS C 98 -16.37 9.97 -21.64
C LYS C 98 -15.11 10.38 -20.88
N ILE C 99 -14.87 9.73 -19.75
CA ILE C 99 -13.65 9.90 -18.98
C ILE C 99 -12.64 8.90 -19.50
N PRO C 100 -11.53 9.32 -20.12
CA PRO C 100 -10.62 8.35 -20.72
C PRO C 100 -9.71 7.67 -19.72
N GLU C 101 -9.41 8.30 -18.58
CA GLU C 101 -8.39 7.77 -17.69
C GLU C 101 -8.69 8.21 -16.26
N VAL C 102 -7.85 7.75 -15.34
CA VAL C 102 -7.90 8.15 -13.94
C VAL C 102 -6.49 8.54 -13.51
N ASN C 103 -6.37 9.67 -12.80
CA ASN C 103 -5.08 10.20 -12.40
C ASN C 103 -5.00 10.30 -10.87
N VAL C 104 -3.80 10.06 -10.35
CA VAL C 104 -3.52 10.17 -8.93
C VAL C 104 -2.31 11.09 -8.76
N PHE C 105 -2.46 12.12 -7.94
CA PHE C 105 -1.43 13.10 -7.67
C PHE C 105 -1.05 13.05 -6.20
N HIS C 106 0.21 13.36 -5.91
CA HIS C 106 0.69 13.50 -4.54
C HIS C 106 1.38 14.84 -4.41
N ASN C 107 0.86 15.70 -3.54
CA ASN C 107 1.40 17.06 -3.36
C ASN C 107 1.45 17.80 -4.69
N ASN C 108 0.39 17.66 -5.48
CA ASN C 108 0.21 18.25 -6.81
C ASN C 108 1.18 17.68 -7.83
N VAL C 109 1.76 16.51 -7.58
CA VAL C 109 2.65 15.85 -8.53
C VAL C 109 2.04 14.51 -8.90
N LYS C 110 1.89 14.26 -10.20
CA LYS C 110 1.24 13.04 -10.67
C LYS C 110 2.08 11.82 -10.32
N ILE C 111 1.44 10.82 -9.72
CA ILE C 111 2.13 9.59 -9.33
C ILE C 111 1.59 8.35 -10.02
N GLN C 113 -1.01 6.99 -13.60
CA GLN C 113 -1.86 7.27 -14.74
C GLN C 113 -2.33 5.94 -15.31
N LEU C 114 -3.59 5.89 -15.74
CA LEU C 114 -4.15 4.66 -16.29
C LEU C 114 -5.25 5.05 -17.27
N ALA C 115 -5.02 4.82 -18.56
CA ALA C 115 -6.03 4.98 -19.58
C ALA C 115 -6.83 3.70 -19.70
N PHE C 116 -8.17 3.83 -19.71
CA PHE C 116 -9.03 2.66 -19.68
C PHE C 116 -9.03 1.89 -21.00
N ASN C 117 -8.58 2.50 -22.09
CA ASN C 117 -8.62 1.82 -23.38
C ASN C 117 -7.54 0.75 -23.51
N THR C 118 -6.49 0.80 -22.70
CA THR C 118 -5.47 -0.23 -22.73
C THR C 118 -5.85 -1.46 -21.90
N LEU C 119 -6.95 -1.40 -21.15
CA LEU C 119 -7.33 -2.52 -20.30
C LEU C 119 -7.90 -3.68 -21.09
N ILE C 120 -8.76 -3.39 -22.08
CA ILE C 120 -9.34 -4.43 -22.91
C ILE C 120 -9.27 -3.97 -24.37
N ASP C 121 -9.27 -4.93 -25.29
CA ASP C 121 -9.18 -4.62 -26.71
C ASP C 121 -10.38 -3.83 -27.19
N GLU C 122 -11.58 -4.21 -26.74
CA GLU C 122 -12.78 -3.50 -27.11
C GLU C 122 -12.79 -2.11 -26.47
N GLU C 123 -13.80 -1.32 -26.84
CA GLU C 123 -13.90 0.03 -26.30
C GLU C 123 -14.14 -0.02 -24.79
N SER C 124 -13.42 0.82 -24.07
CA SER C 124 -13.54 0.89 -22.62
C SER C 124 -13.23 2.31 -22.17
N TYR C 125 -14.05 2.81 -21.23
CA TYR C 125 -13.95 4.19 -20.79
C TYR C 125 -14.85 4.36 -19.58
N CYS C 126 -14.47 5.28 -18.70
CA CYS C 126 -15.42 5.71 -17.70
C CYS C 126 -16.44 6.64 -18.36
N ALA C 127 -17.61 6.77 -17.74
CA ALA C 127 -18.66 7.59 -18.31
C ALA C 127 -19.38 8.34 -17.20
N ARG C 128 -19.32 9.67 -17.26
CA ARG C 128 -20.25 10.52 -16.52
C ARG C 128 -21.60 10.39 -17.19
N LEU C 129 -22.45 9.55 -16.60
CA LEU C 129 -23.80 9.30 -17.09
C LEU C 129 -24.73 9.34 -15.90
N THR C 130 -25.54 10.40 -15.81
CA THR C 130 -26.39 10.58 -14.65
C THR C 130 -27.36 9.41 -14.51
N GLN C 131 -27.53 8.95 -13.27
CA GLN C 131 -28.51 7.90 -12.99
C GLN C 131 -29.91 8.25 -13.48
N PRO C 132 -30.43 9.47 -13.33
CA PRO C 132 -31.76 9.75 -13.89
C PRO C 132 -31.86 9.52 -15.39
N THR C 133 -30.82 9.88 -16.15
CA THR C 133 -30.90 9.71 -17.61
C THR C 133 -30.90 8.24 -18.00
N LEU C 134 -30.01 7.45 -17.40
CA LEU C 134 -29.98 6.01 -17.69
C LEU C 134 -31.27 5.34 -17.26
N LEU C 135 -31.80 5.71 -16.09
CA LEU C 135 -33.07 5.15 -15.64
C LEU C 135 -34.21 5.55 -16.56
N SER C 136 -34.20 6.79 -17.06
CA SER C 136 -35.23 7.22 -18.00
C SER C 136 -35.16 6.43 -19.30
N ALA C 137 -33.94 6.20 -19.80
CA ALA C 137 -33.79 5.40 -21.02
C ALA C 137 -34.30 3.98 -20.80
N LEU C 138 -33.95 3.37 -19.67
CA LEU C 138 -34.43 2.02 -19.37
C LEU C 138 -35.94 1.99 -19.25
N LEU C 139 -36.54 2.99 -18.61
CA LEU C 139 -38.00 3.06 -18.51
C LEU C 139 -38.64 3.22 -19.88
N ASP C 140 -38.07 4.08 -20.73
CA ASP C 140 -38.62 4.27 -22.06
C ASP C 140 -38.58 2.97 -22.86
N LYS C 141 -37.46 2.25 -22.79
CA LYS C 141 -37.36 0.98 -23.49
C LYS C 141 -38.33 -0.04 -22.91
N ALA C 142 -38.52 -0.04 -21.59
CA ALA C 142 -39.29 -1.08 -20.94
C ALA C 142 -40.81 -0.88 -21.10
N LYS C 143 -41.27 0.37 -21.09
CA LYS C 143 -42.72 0.62 -21.08
C LYS C 143 -43.39 0.23 -22.40
N LYS C 144 -42.61 -0.06 -23.45
CA LYS C 144 -43.19 -0.58 -24.68
C LYS C 144 -43.78 -1.96 -24.49
N TYR C 145 -43.39 -2.68 -23.43
CA TYR C 145 -43.91 -4.01 -23.17
C TYR C 145 -45.14 -3.90 -22.28
N PRO C 146 -46.32 -4.33 -22.72
CA PRO C 146 -47.52 -4.19 -21.88
C PRO C 146 -47.43 -4.92 -20.55
N ASN C 147 -46.68 -6.03 -20.48
CA ASN C 147 -46.60 -6.79 -19.24
C ASN C 147 -45.80 -6.09 -18.16
N PHE C 148 -45.11 -5.01 -18.49
CA PHE C 148 -44.31 -4.24 -17.53
C PHE C 148 -45.18 -3.16 -16.91
N LYS C 149 -45.23 -3.12 -15.58
CA LYS C 149 -45.95 -2.09 -14.84
C LYS C 149 -45.00 -1.49 -13.82
N LEU C 150 -44.86 -0.17 -13.85
CA LEU C 150 -44.00 0.55 -12.92
C LEU C 150 -44.85 1.51 -12.10
N LEU C 151 -44.83 1.35 -10.78
CA LEU C 151 -45.66 2.13 -9.86
C LEU C 151 -44.76 2.98 -8.98
N PHE C 152 -44.96 4.29 -9.04
CA PHE C 152 -44.25 5.25 -8.21
C PHE C 152 -45.07 5.58 -6.97
N ASN C 153 -44.40 6.18 -5.98
CA ASN C 153 -45.03 6.59 -4.73
C ASN C 153 -45.69 5.41 -4.01
N THR C 154 -45.11 4.22 -4.17
CA THR C 154 -45.67 2.99 -3.61
C THR C 154 -44.67 2.43 -2.60
N LYS C 155 -44.85 2.76 -1.33
CA LYS C 155 -44.01 2.24 -0.26
C LYS C 155 -44.52 0.88 0.14
N VAL C 156 -43.70 -0.15 -0.07
CA VAL C 156 -44.06 -1.49 0.37
C VAL C 156 -44.09 -1.51 1.89
N ARG C 157 -45.15 -2.10 2.45
CA ARG C 157 -45.28 -2.10 3.90
C ARG C 157 -44.87 -3.42 4.54
N ASP C 158 -45.25 -4.55 3.94
CA ASP C 158 -44.87 -5.84 4.51
C ASP C 158 -44.92 -6.92 3.45
N LEU C 159 -44.63 -8.14 3.87
CA LEU C 159 -44.62 -9.32 3.01
C LEU C 159 -45.83 -10.19 3.32
N LEU C 160 -46.50 -10.68 2.27
CA LEU C 160 -47.58 -11.65 2.45
C LEU C 160 -47.01 -13.06 2.60
N ARG C 161 -46.29 -13.26 3.71
CA ARG C 161 -45.71 -14.56 4.01
C ARG C 161 -46.83 -15.53 4.40
N GLU C 162 -47.27 -16.34 3.45
CA GLU C 162 -48.39 -17.23 3.64
C GLU C 162 -47.99 -18.64 3.21
N ASP C 163 -48.51 -19.64 3.93
CA ASP C 163 -48.20 -21.05 3.69
C ASP C 163 -46.70 -21.32 3.83
N GLY C 164 -46.05 -20.61 4.74
CA GLY C 164 -44.63 -20.79 4.96
C GLY C 164 -43.73 -20.23 3.89
N LYS C 165 -44.26 -19.39 2.99
CA LYS C 165 -43.46 -18.84 1.91
C LYS C 165 -43.96 -17.45 1.58
N VAL C 166 -43.11 -16.68 0.89
CA VAL C 166 -43.43 -15.31 0.52
C VAL C 166 -44.32 -15.33 -0.72
N THR C 167 -45.60 -15.00 -0.53
CA THR C 167 -46.57 -15.03 -1.61
C THR C 167 -46.64 -13.72 -2.39
N GLY C 168 -46.45 -12.59 -1.72
CA GLY C 168 -46.44 -11.30 -2.38
C GLY C 168 -46.02 -10.22 -1.42
N VAL C 169 -46.48 -8.98 -1.65
CA VAL C 169 -46.18 -7.89 -0.72
C VAL C 169 -47.42 -7.04 -0.55
N TYR C 170 -47.59 -6.50 0.66
CA TYR C 170 -48.61 -5.52 0.97
C TYR C 170 -47.97 -4.14 0.93
N ALA C 171 -48.51 -3.26 0.07
CA ALA C 171 -47.94 -1.94 -0.17
C ALA C 171 -49.06 -0.90 -0.15
N VAL C 172 -48.67 0.36 -0.10
CA VAL C 172 -49.59 1.49 -0.10
C VAL C 172 -49.22 2.38 -1.27
N ALA C 173 -50.17 2.56 -2.20
CA ALA C 173 -49.96 3.37 -3.38
C ALA C 173 -50.51 4.78 -3.16
N LYS C 174 -49.69 5.77 -3.44
CA LYS C 174 -50.06 7.17 -3.22
C LYS C 174 -49.62 8.06 -4.38
N GLU C 188 -53.46 4.73 -5.63
CA GLU C 188 -54.11 5.31 -4.45
C GLU C 188 -54.88 4.26 -3.68
N GLY C 189 -54.35 3.86 -2.53
CA GLY C 189 -55.00 2.88 -1.68
C GLY C 189 -54.00 1.88 -1.16
N ASN C 190 -54.50 0.70 -0.81
CA ASN C 190 -53.68 -0.39 -0.30
C ASN C 190 -53.75 -1.57 -1.25
N LEU C 191 -52.59 -2.12 -1.61
CA LEU C 191 -52.51 -3.20 -2.58
C LEU C 191 -51.87 -4.43 -1.97
N ASN C 192 -52.48 -5.59 -2.26
CA ASN C 192 -51.93 -6.91 -1.96
C ASN C 192 -51.43 -7.48 -3.28
N ILE C 193 -50.20 -7.12 -3.66
CA ILE C 193 -49.70 -7.50 -4.98
C ILE C 193 -48.94 -8.81 -4.85
N LYS C 194 -49.45 -9.85 -5.49
CA LYS C 194 -48.93 -11.21 -5.34
C LYS C 194 -48.04 -11.56 -6.52
N SER C 195 -46.97 -12.30 -6.25
CA SER C 195 -46.05 -12.74 -7.29
C SER C 195 -45.26 -13.93 -6.77
N ARG C 196 -44.90 -14.82 -7.70
CA ARG C 196 -44.12 -15.99 -7.31
C ARG C 196 -42.72 -15.61 -6.85
N VAL C 197 -42.18 -14.50 -7.36
CA VAL C 197 -40.87 -14.00 -6.97
C VAL C 197 -41.00 -12.55 -6.53
N THR C 198 -40.42 -12.23 -5.37
CA THR C 198 -40.31 -10.86 -4.89
C THR C 198 -38.83 -10.56 -4.67
N VAL C 199 -38.30 -9.61 -5.42
CA VAL C 199 -36.88 -9.28 -5.39
C VAL C 199 -36.71 -7.85 -4.90
N GLY C 200 -35.88 -7.67 -3.87
CA GLY C 200 -35.65 -6.35 -3.33
C GLY C 200 -34.35 -5.72 -3.78
N VAL C 201 -34.43 -4.52 -4.37
CA VAL C 201 -33.26 -3.78 -4.80
C VAL C 201 -33.25 -2.42 -4.12
N ASP C 202 -33.77 -2.38 -2.89
CA ASP C 202 -34.06 -1.11 -2.23
C ASP C 202 -32.82 -0.32 -1.84
N GLY C 203 -31.63 -0.79 -2.18
CA GLY C 203 -30.41 -0.07 -1.87
C GLY C 203 -29.94 -0.35 -0.45
N ARG C 204 -28.89 0.37 -0.06
CA ARG C 204 -28.34 0.21 1.29
C ARG C 204 -29.35 0.56 2.36
N ASN C 205 -30.22 1.53 2.09
CA ASN C 205 -31.31 1.87 3.02
C ASN C 205 -32.56 1.07 2.67
N SER C 206 -32.45 -0.25 2.83
CA SER C 206 -33.49 -1.19 2.44
C SER C 206 -34.37 -1.55 3.63
N THR C 207 -35.68 -1.37 3.47
CA THR C 207 -36.62 -1.86 4.46
C THR C 207 -36.83 -3.36 4.38
N GLU C 209 -34.58 -5.59 3.97
CA GLU C 209 -33.48 -6.32 4.61
C GLU C 209 -33.90 -6.94 5.94
N LYS C 210 -34.91 -6.36 6.61
CA LYS C 210 -35.40 -6.92 7.85
C LYS C 210 -36.82 -7.45 7.77
N LEU C 211 -37.56 -7.16 6.69
CA LEU C 211 -38.82 -7.86 6.46
C LEU C 211 -38.58 -9.35 6.31
N GLY C 212 -37.58 -9.72 5.53
CA GLY C 212 -37.01 -11.05 5.60
C GLY C 212 -35.81 -11.04 6.54
N ASN C 213 -35.60 -12.16 7.22
CA ASN C 213 -34.56 -12.24 8.25
C ASN C 213 -33.20 -12.38 7.56
N PHE C 214 -32.79 -11.31 6.90
CA PHE C 214 -31.53 -11.30 6.16
C PHE C 214 -30.40 -10.86 7.09
N GLU C 215 -29.48 -11.78 7.36
CA GLU C 215 -28.38 -11.52 8.29
C GLU C 215 -27.23 -10.84 7.55
N LEU C 216 -26.72 -9.77 8.13
CA LEU C 216 -25.58 -9.03 7.57
C LEU C 216 -24.29 -9.66 8.07
N GLU C 217 -23.52 -10.26 7.16
CA GLU C 217 -22.24 -10.85 7.51
C GLU C 217 -21.07 -9.92 7.22
N LEU C 218 -21.35 -8.68 6.81
CA LEU C 218 -20.30 -7.68 6.65
C LEU C 218 -20.96 -6.31 6.69
N ASP C 219 -20.61 -5.51 7.69
CA ASP C 219 -21.11 -4.13 7.82
C ASP C 219 -19.89 -3.25 8.03
N TYR C 220 -19.46 -2.57 6.97
CA TYR C 220 -18.23 -1.79 6.98
C TYR C 220 -18.55 -0.31 6.85
N TYR C 221 -18.03 0.49 7.78
CA TYR C 221 -18.17 1.94 7.72
C TYR C 221 -16.98 2.53 8.45
N ASP C 222 -16.01 3.05 7.70
CA ASP C 222 -14.80 3.62 8.30
C ASP C 222 -14.52 5.05 7.88
N ASN C 223 -14.95 5.49 6.71
CA ASN C 223 -14.67 6.83 6.23
C ASN C 223 -15.94 7.42 5.65
N ASP C 224 -15.87 8.70 5.32
CA ASP C 224 -16.98 9.35 4.65
C ASP C 224 -16.41 10.36 3.67
N LEU C 225 -17.26 11.01 2.90
CA LEU C 225 -16.86 12.00 1.91
C LEU C 225 -17.65 13.28 2.11
N LEU C 226 -16.98 14.41 1.92
CA LEU C 226 -17.60 15.73 1.98
C LEU C 226 -17.65 16.27 0.56
N TRP C 227 -18.84 16.28 -0.02
CA TRP C 227 -19.03 16.63 -1.42
C TRP C 227 -19.39 18.10 -1.56
N PHE C 228 -18.81 18.75 -2.55
CA PHE C 228 -19.20 20.11 -2.92
C PHE C 228 -18.84 20.35 -4.38
N SER C 229 -19.67 21.15 -5.05
CA SER C 229 -19.51 21.43 -6.47
C SER C 229 -19.04 22.86 -6.67
N PHE C 230 -18.07 23.04 -7.56
CA PHE C 230 -17.56 24.37 -7.86
C PHE C 230 -17.37 24.54 -9.35
N GLU C 231 -17.40 25.79 -9.81
CA GLU C 231 -17.25 26.08 -11.22
C GLU C 231 -15.87 25.64 -11.71
N LYS C 232 -15.84 24.97 -12.85
CA LYS C 232 -14.59 24.40 -13.35
C LYS C 232 -13.58 25.50 -13.68
N PRO C 233 -12.36 25.43 -13.18
CA PRO C 233 -11.33 26.38 -13.59
C PRO C 233 -10.96 26.19 -15.05
N GLU C 234 -10.51 27.29 -15.67
CA GLU C 234 -10.13 27.24 -17.08
C GLU C 234 -8.82 26.48 -17.30
N SER C 235 -8.03 26.27 -16.25
CA SER C 235 -6.78 25.52 -16.39
C SER C 235 -6.98 24.02 -16.39
N TRP C 236 -8.16 23.55 -15.99
CA TRP C 236 -8.45 22.13 -15.88
C TRP C 236 -9.29 21.65 -17.06
N ASP C 237 -9.33 20.33 -17.22
CA ASP C 237 -10.22 19.69 -18.17
C ASP C 237 -11.52 19.31 -17.49
N TYR C 238 -12.58 19.17 -18.29
CA TYR C 238 -13.86 18.77 -17.73
C TYR C 238 -13.96 17.26 -17.52
N ASN C 239 -13.49 16.46 -18.47
CA ASN C 239 -13.55 15.01 -18.38
C ASN C 239 -12.33 14.52 -17.60
N ILE C 240 -12.44 14.59 -16.27
CA ILE C 240 -11.35 14.21 -15.38
C ILE C 240 -11.86 13.24 -14.33
N TYR C 241 -10.94 12.44 -13.81
CA TYR C 241 -11.19 11.55 -12.67
C TYR C 241 -9.90 11.58 -11.86
N HIS C 242 -9.85 12.49 -10.89
CA HIS C 242 -8.59 12.83 -10.23
C HIS C 242 -8.66 12.51 -8.74
N PHE C 243 -7.57 11.98 -8.19
CA PHE C 243 -7.44 11.80 -6.76
C PHE C 243 -6.15 12.41 -6.28
N TYR C 244 -6.24 13.31 -5.30
CA TYR C 244 -5.10 14.04 -4.76
C TYR C 244 -4.82 13.57 -3.34
N PHE C 245 -3.56 13.25 -3.07
CA PHE C 245 -3.04 13.14 -1.71
C PHE C 245 -2.40 14.47 -1.36
N GLN C 246 -2.86 15.12 -0.29
CA GLN C 246 -2.37 16.43 0.09
C GLN C 246 -2.02 16.44 1.57
N LYS C 247 -1.53 17.59 2.04
CA LYS C 247 -1.02 17.69 3.40
C LYS C 247 -2.12 17.54 4.45
N ASN C 248 -3.24 18.22 4.25
CA ASN C 248 -4.29 18.20 5.25
C ASN C 248 -5.35 17.13 4.95
N TYR C 249 -5.80 17.05 3.71
CA TYR C 249 -6.88 16.15 3.33
C TYR C 249 -6.58 15.50 1.98
N ASN C 250 -7.33 14.44 1.69
CA ASN C 250 -7.31 13.80 0.40
C ASN C 250 -8.56 14.17 -0.38
N TYR C 251 -8.41 14.40 -1.68
CA TYR C 251 -9.47 14.93 -2.50
C TYR C 251 -9.75 14.03 -3.69
N LEU C 252 -11.02 14.06 -4.13
CA LEU C 252 -11.44 13.38 -5.36
C LEU C 252 -12.20 14.38 -6.20
N PHE C 253 -11.85 14.47 -7.48
CA PHE C 253 -12.47 15.39 -8.41
C PHE C 253 -13.11 14.62 -9.55
N LEU C 254 -14.38 14.89 -9.80
CA LEU C 254 -15.19 14.23 -10.81
C LEU C 254 -15.93 15.29 -11.63
N PRO C 255 -16.33 14.95 -12.85
CA PRO C 255 -17.04 15.92 -13.70
C PRO C 255 -18.51 16.11 -13.31
N LYS C 256 -18.80 17.05 -12.41
CA LYS C 256 -20.18 17.38 -12.11
C LYS C 256 -20.94 17.79 -13.35
N LEU C 257 -22.18 17.34 -13.47
CA LEU C 257 -23.03 17.66 -14.60
C LEU C 257 -23.22 19.17 -14.72
N GLY C 258 -23.18 19.67 -15.95
CA GLY C 258 -23.38 21.08 -16.21
C GLY C 258 -22.12 21.90 -16.41
N GLY C 259 -20.96 21.27 -16.50
CA GLY C 259 -19.71 21.99 -16.65
C GLY C 259 -19.02 22.34 -15.35
N TYR C 260 -19.48 21.81 -14.21
CA TYR C 260 -18.87 22.06 -12.92
C TYR C 260 -17.86 20.97 -12.62
N ILE C 261 -17.25 21.04 -11.43
CA ILE C 261 -16.39 19.97 -10.92
C ILE C 261 -16.88 19.63 -9.53
N GLN C 262 -17.12 18.35 -9.28
CA GLN C 262 -17.67 17.88 -8.02
C GLN C 262 -16.54 17.22 -7.24
N CYS C 263 -16.22 17.78 -6.07
CA CYS C 263 -15.06 17.39 -5.29
C CYS C 263 -15.50 16.81 -3.96
N GLY C 264 -14.98 15.63 -3.64
CA GLY C 264 -15.19 14.99 -2.36
C GLY C 264 -13.92 14.97 -1.53
N ILE C 265 -14.00 15.51 -0.32
CA ILE C 265 -12.90 15.48 0.63
C ILE C 265 -13.08 14.27 1.54
N SER C 266 -12.06 13.42 1.61
CA SER C 266 -12.15 12.19 2.38
C SER C 266 -11.85 12.46 3.85
N LEU C 267 -12.78 12.05 4.72
CA LEU C 267 -12.64 12.27 6.15
C LEU C 267 -12.91 10.97 6.89
N THR C 268 -12.38 10.87 8.10
CA THR C 268 -12.66 9.73 8.95
C THR C 268 -14.07 9.83 9.51
N LYS C 269 -14.65 8.67 9.83
CA LYS C 269 -15.97 8.64 10.43
C LYS C 269 -15.95 9.37 11.78
N GLY C 270 -16.93 10.26 11.98
CA GLY C 270 -17.01 11.03 13.19
C GLY C 270 -16.06 12.20 13.27
N GLU C 271 -15.47 12.61 12.14
CA GLU C 271 -14.54 13.73 12.12
C GLU C 271 -15.18 15.01 11.59
N TYR C 272 -16.31 14.92 10.90
CA TYR C 272 -16.93 16.09 10.31
C TYR C 272 -17.51 17.04 11.36
N GLN C 273 -18.16 16.51 12.40
CA GLN C 273 -18.69 17.39 13.43
C GLN C 273 -17.57 18.04 14.25
N LYS C 274 -16.43 17.36 14.37
CA LYS C 274 -15.27 17.98 14.99
C LYS C 274 -14.80 19.18 14.16
N ILE C 275 -14.78 19.04 12.83
CA ILE C 275 -14.42 20.15 11.96
C ILE C 275 -15.44 21.27 12.07
N LYS C 276 -16.72 20.92 12.17
CA LYS C 276 -17.77 21.93 12.30
C LYS C 276 -17.60 22.72 13.59
N LYS C 277 -17.27 22.03 14.68
CA LYS C 277 -17.00 22.73 15.93
C LYS C 277 -15.75 23.59 15.83
N GLU C 278 -14.72 23.09 15.13
CA GLU C 278 -13.46 23.82 15.03
C GLU C 278 -13.61 25.16 14.32
N GLY C 279 -14.59 25.31 13.46
CA GLY C 279 -14.82 26.58 12.80
C GLY C 279 -14.66 26.48 11.29
N ILE C 280 -15.49 27.24 10.57
CA ILE C 280 -15.44 27.24 9.11
C ILE C 280 -14.14 27.85 8.62
N GLU C 281 -13.62 28.86 9.30
CA GLU C 281 -12.41 29.54 8.85
C GLU C 281 -11.22 28.59 8.81
N SER C 282 -11.06 27.76 9.85
CA SER C 282 -9.96 26.81 9.87
C SER C 282 -10.07 25.81 8.73
N PHE C 283 -11.28 25.30 8.48
CA PHE C 283 -11.49 24.35 7.39
C PHE C 283 -11.15 24.99 6.05
N LYS C 284 -11.59 26.24 5.85
CA LYS C 284 -11.28 26.94 4.60
C LYS C 284 -9.78 27.14 4.45
N GLU C 285 -9.10 27.53 5.53
CA GLU C 285 -7.66 27.75 5.44
C GLU C 285 -6.93 26.46 5.10
N LYS C 286 -7.31 25.36 5.74
CA LYS C 286 -6.64 24.09 5.48
C LYS C 286 -6.93 23.57 4.09
N ILE C 287 -8.13 23.83 3.56
CA ILE C 287 -8.44 23.41 2.20
C ILE C 287 -7.67 24.25 1.19
N LEU C 288 -7.63 25.57 1.38
CA LEU C 288 -6.96 26.43 0.43
C LEU C 288 -5.44 26.29 0.49
N GLU C 289 -4.89 25.89 1.64
CA GLU C 289 -3.48 25.56 1.69
C GLU C 289 -3.18 24.32 0.85
N ASP C 290 -4.04 23.30 0.94
CA ASP C 290 -3.87 22.10 0.12
C ASP C 290 -4.12 22.40 -1.35
N PRO C 292 -4.76 25.51 -3.59
CA PRO C 292 -4.86 26.97 -3.74
C PRO C 292 -5.77 27.40 -4.87
N ILE C 293 -6.09 26.51 -5.80
CA ILE C 293 -6.97 26.85 -6.93
C ILE C 293 -8.43 26.92 -6.52
N LEU C 294 -8.79 26.36 -5.36
CA LEU C 294 -10.15 26.45 -4.85
C LEU C 294 -10.43 27.78 -4.15
N LYS C 295 -9.53 28.75 -4.25
CA LYS C 295 -9.71 30.02 -3.55
C LYS C 295 -10.91 30.79 -4.10
N GLN C 296 -11.10 30.77 -5.42
CA GLN C 296 -12.19 31.53 -6.02
C GLN C 296 -13.55 31.01 -5.55
N HIS C 297 -13.70 29.68 -5.49
CA HIS C 297 -14.96 29.12 -5.02
C HIS C 297 -15.17 29.36 -3.54
N PHE C 298 -14.11 29.27 -2.75
CA PHE C 298 -14.20 29.42 -1.30
C PHE C 298 -14.24 30.87 -0.86
N ASP C 299 -14.09 31.83 -1.78
CA ASP C 299 -14.25 33.23 -1.42
C ASP C 299 -15.68 33.55 -1.02
N THR C 300 -16.66 32.84 -1.58
CA THR C 300 -18.06 33.03 -1.24
C THR C 300 -18.59 31.98 -0.28
N VAL C 301 -17.72 31.14 0.27
CA VAL C 301 -18.11 30.11 1.22
C VAL C 301 -17.81 30.61 2.62
N THR C 302 -18.81 30.54 3.51
CA THR C 302 -18.64 31.04 4.86
C THR C 302 -19.29 30.13 5.91
N ASP C 303 -19.75 28.95 5.53
CA ASP C 303 -20.46 28.06 6.43
C ASP C 303 -20.46 26.66 5.84
N PHE C 304 -20.92 25.70 6.66
CA PHE C 304 -20.77 24.28 6.38
C PHE C 304 -21.93 23.65 5.63
N LYS C 305 -23.04 24.36 5.41
CA LYS C 305 -24.21 23.67 4.87
C LYS C 305 -24.14 23.45 3.37
N SER C 306 -23.12 23.98 2.69
CA SER C 306 -22.95 23.75 1.26
C SER C 306 -22.30 22.41 0.95
N PHE C 307 -21.88 21.67 1.98
CA PHE C 307 -21.25 20.37 1.81
C PHE C 307 -22.27 19.26 2.09
N VAL C 308 -22.07 18.12 1.43
CA VAL C 308 -22.93 16.95 1.59
C VAL C 308 -22.11 15.82 2.18
N GLN C 309 -22.65 15.17 3.20
CA GLN C 309 -21.93 14.10 3.90
C GLN C 309 -22.37 12.75 3.33
N LEU C 310 -21.49 12.10 2.58
CA LEU C 310 -21.73 10.77 2.03
C LEU C 310 -21.09 9.73 2.93
N LEU C 311 -21.88 8.78 3.42
CA LEU C 311 -21.39 7.74 4.31
C LEU C 311 -20.96 6.54 3.48
N CYS C 312 -19.66 6.20 3.57
CA CYS C 312 -19.08 5.12 2.77
C CYS C 312 -19.36 3.79 3.45
N ARG C 313 -20.56 3.27 3.23
CA ARG C 313 -21.00 2.01 3.80
C ARG C 313 -20.82 0.87 2.82
N ARG C 315 -21.93 -3.43 2.61
CA ARG C 315 -22.67 -4.48 3.23
C ARG C 315 -22.66 -5.76 2.41
N TYR C 316 -22.88 -6.89 3.04
CA TYR C 316 -22.99 -8.18 2.34
C TYR C 316 -23.91 -9.09 3.14
N ILE C 317 -25.01 -9.52 2.51
CA ILE C 317 -25.96 -10.42 3.14
C ILE C 317 -25.36 -11.83 3.21
N LYS C 318 -25.64 -12.52 4.32
CA LYS C 318 -25.12 -13.88 4.50
C LYS C 318 -25.63 -14.81 3.41
N ASP C 319 -26.91 -14.73 3.06
CA ASP C 319 -27.46 -15.46 1.93
C ASP C 319 -28.58 -14.64 1.31
N TRP C 320 -28.42 -14.31 0.02
CA TRP C 320 -29.32 -13.38 -0.63
C TRP C 320 -30.73 -13.94 -0.76
N ALA C 321 -30.89 -15.26 -0.76
CA ALA C 321 -32.18 -15.90 -0.79
C ALA C 321 -32.24 -16.96 0.30
N LYS C 322 -33.27 -16.89 1.15
CA LYS C 322 -33.38 -17.84 2.24
C LYS C 322 -34.80 -18.38 2.41
N GLU C 323 -35.79 -17.83 1.70
CA GLU C 323 -37.16 -18.30 1.78
C GLU C 323 -37.66 -18.51 0.36
N GLU C 324 -38.90 -18.97 0.22
CA GLU C 324 -39.50 -19.26 -1.07
C GLU C 324 -40.19 -18.01 -1.58
N GLY C 325 -39.74 -17.49 -2.72
CA GLY C 325 -40.33 -16.32 -3.32
C GLY C 325 -39.76 -14.99 -2.86
N CYS C 326 -38.65 -14.98 -2.14
CA CYS C 326 -38.01 -13.74 -1.72
C CYS C 326 -36.51 -13.83 -1.90
N LEU C 328 -32.73 -11.01 -2.36
CA LEU C 328 -32.16 -9.67 -2.31
C LEU C 328 -31.01 -9.58 -3.31
N ILE C 329 -31.08 -8.60 -4.21
CA ILE C 329 -29.97 -8.32 -5.12
C ILE C 329 -29.71 -6.83 -5.13
N GLY C 330 -28.61 -6.46 -5.77
CA GLY C 330 -28.28 -5.05 -5.93
C GLY C 330 -27.64 -4.48 -4.67
N ASP C 331 -27.77 -3.15 -4.53
CA ASP C 331 -27.17 -2.47 -3.38
C ASP C 331 -27.78 -2.96 -2.08
N ALA C 332 -28.99 -3.51 -2.11
CA ALA C 332 -29.60 -4.05 -0.91
C ALA C 332 -28.79 -5.21 -0.34
N ALA C 333 -27.99 -5.88 -1.17
CA ALA C 333 -27.24 -7.06 -0.74
C ALA C 333 -25.73 -6.88 -0.78
N HIS C 334 -25.20 -6.12 -1.73
CA HIS C 334 -23.75 -6.00 -1.90
C HIS C 334 -23.34 -4.56 -2.21
N CYS C 335 -23.88 -3.60 -1.44
CA CYS C 335 -23.48 -2.21 -1.61
C CYS C 335 -22.00 -2.05 -1.29
N VAL C 336 -21.32 -1.19 -2.06
CA VAL C 336 -19.88 -1.01 -1.94
C VAL C 336 -19.53 0.48 -1.96
N THR C 337 -18.26 0.76 -1.67
CA THR C 337 -17.73 2.12 -1.64
C THR C 337 -17.55 2.66 -3.06
N PRO C 338 -17.57 3.99 -3.23
CA PRO C 338 -17.52 4.56 -4.58
C PRO C 338 -16.10 4.80 -5.10
N TRP C 339 -15.22 3.81 -5.00
CA TRP C 339 -13.86 3.92 -5.50
C TRP C 339 -13.74 3.10 -6.78
N GLY C 340 -13.58 3.80 -7.90
CA GLY C 340 -13.62 3.17 -9.21
C GLY C 340 -15.00 3.13 -9.83
N ALA C 341 -16.04 3.50 -9.08
CA ALA C 341 -17.43 3.51 -9.57
C ALA C 341 -17.89 2.10 -9.96
N VAL C 342 -17.79 1.17 -9.02
CA VAL C 342 -18.12 -0.22 -9.31
C VAL C 342 -19.50 -0.63 -8.80
N GLY C 343 -20.13 0.16 -7.94
CA GLY C 343 -21.36 -0.28 -7.30
C GLY C 343 -22.52 -0.43 -8.26
N SER C 344 -22.70 0.56 -9.14
CA SER C 344 -23.81 0.51 -10.08
C SER C 344 -23.65 -0.65 -11.06
N THR C 345 -22.44 -0.83 -11.59
CA THR C 345 -22.19 -1.93 -12.52
C THR C 345 -22.34 -3.27 -11.84
N LEU C 346 -21.87 -3.39 -10.58
CA LEU C 346 -22.03 -4.62 -9.84
C LEU C 346 -23.51 -4.95 -9.63
N ALA C 347 -24.31 -3.95 -9.26
CA ALA C 347 -25.74 -4.16 -9.10
C ALA C 347 -26.39 -4.59 -10.41
N GLY C 349 -24.97 -6.15 -13.00
CA GLY C 349 -24.58 -7.52 -13.29
C GLY C 349 -25.33 -8.54 -12.44
N THR C 350 -25.50 -8.23 -11.16
CA THR C 350 -26.28 -9.12 -10.31
C THR C 350 -27.74 -9.17 -10.78
N ALA C 351 -28.27 -8.04 -11.24
CA ALA C 351 -29.64 -8.01 -11.75
C ALA C 351 -29.78 -8.85 -13.01
N VAL C 352 -28.79 -8.79 -13.91
CA VAL C 352 -28.88 -9.59 -15.14
C VAL C 352 -28.76 -11.08 -14.82
N ILE C 353 -27.92 -11.44 -13.83
CA ILE C 353 -27.84 -12.84 -13.43
C ILE C 353 -29.15 -13.29 -12.79
N ALA C 354 -29.77 -12.41 -11.99
CA ALA C 354 -31.05 -12.73 -11.39
C ALA C 354 -32.13 -12.92 -12.45
N ALA C 355 -32.12 -12.09 -13.48
CA ALA C 355 -33.07 -12.27 -14.58
C ALA C 355 -32.83 -13.60 -15.28
N ASP C 356 -31.57 -13.95 -15.49
CA ASP C 356 -31.25 -15.26 -16.05
C ASP C 356 -31.87 -16.38 -15.23
N VAL C 357 -31.61 -16.37 -13.92
CA VAL C 357 -32.08 -17.45 -13.05
C VAL C 357 -33.59 -17.49 -13.01
N ILE C 358 -34.23 -16.32 -12.93
CA ILE C 358 -35.69 -16.27 -12.86
C ILE C 358 -36.32 -16.78 -14.15
N TYR C 359 -35.77 -16.40 -15.30
CA TYR C 359 -36.28 -16.91 -16.57
C TYR C 359 -36.12 -18.43 -16.66
N LYS C 360 -34.96 -18.94 -16.22
CA LYS C 360 -34.74 -20.38 -16.24
C LYS C 360 -35.77 -21.08 -15.35
N GLY C 361 -36.03 -20.52 -14.16
CA GLY C 361 -37.01 -21.10 -13.27
C GLY C 361 -38.41 -21.10 -13.84
N PHE C 362 -38.79 -20.01 -14.50
CA PHE C 362 -40.11 -19.97 -15.13
C PHE C 362 -40.22 -20.99 -16.26
N LYS C 363 -39.18 -21.12 -17.08
CA LYS C 363 -39.23 -22.09 -18.18
C LYS C 363 -39.31 -23.51 -17.66
N ASN C 364 -38.54 -23.82 -16.61
CA ASN C 364 -38.52 -25.18 -16.06
C ASN C 364 -39.65 -25.45 -15.08
N ASN C 365 -40.51 -24.46 -14.82
CA ASN C 365 -41.57 -24.58 -13.82
C ASN C 365 -41.00 -24.94 -12.45
N ASP C 366 -39.78 -24.46 -12.18
CA ASP C 366 -39.09 -24.75 -10.93
C ASP C 366 -38.54 -23.43 -10.39
N LEU C 367 -39.35 -22.74 -9.59
CA LEU C 367 -38.94 -21.52 -8.92
C LEU C 367 -38.65 -21.77 -7.44
N SER C 368 -38.07 -22.92 -7.13
CA SER C 368 -37.77 -23.26 -5.76
C SER C 368 -36.67 -22.35 -5.20
N LEU C 369 -36.53 -22.37 -3.87
CA LEU C 369 -35.52 -21.55 -3.22
C LEU C 369 -34.11 -21.96 -3.64
N GLU C 370 -33.90 -23.25 -3.88
CA GLU C 370 -32.60 -23.71 -4.36
C GLU C 370 -32.27 -23.16 -5.73
N THR C 371 -33.27 -22.80 -6.53
CA THR C 371 -33.01 -22.07 -7.76
C THR C 371 -32.60 -20.63 -7.46
N LEU C 372 -33.13 -20.06 -6.38
CA LEU C 372 -32.78 -18.69 -6.02
C LEU C 372 -31.37 -18.60 -5.43
N LYS C 373 -30.86 -19.69 -4.84
CA LYS C 373 -29.44 -19.70 -4.48
C LYS C 373 -28.51 -19.57 -5.67
N GLN C 374 -28.98 -19.82 -6.88
CA GLN C 374 -28.10 -19.78 -8.05
C GLN C 374 -27.56 -18.38 -8.28
N VAL C 375 -28.37 -17.35 -8.02
CA VAL C 375 -27.93 -15.97 -8.24
C VAL C 375 -26.72 -15.65 -7.37
N GLN C 376 -26.82 -15.97 -6.07
CA GLN C 376 -25.69 -15.73 -5.18
C GLN C 376 -24.51 -16.62 -5.55
N SER C 377 -24.77 -17.89 -5.88
CA SER C 377 -23.68 -18.78 -6.22
C SER C 377 -22.94 -18.34 -7.48
N ARG C 378 -23.59 -17.57 -8.35
CA ARG C 378 -22.94 -17.08 -9.56
C ARG C 378 -22.29 -15.72 -9.37
N ARG C 379 -22.87 -14.85 -8.54
CA ARG C 379 -22.32 -13.52 -8.34
C ARG C 379 -21.34 -13.44 -7.17
N LYS C 380 -21.16 -14.53 -6.42
CA LYS C 380 -20.40 -14.47 -5.18
C LYS C 380 -18.94 -14.13 -5.43
N GLU C 381 -18.31 -14.78 -6.41
CA GLU C 381 -16.89 -14.55 -6.65
C GLU C 381 -16.63 -13.12 -7.09
N GLU C 382 -17.41 -12.62 -8.05
CA GLU C 382 -17.29 -11.23 -8.49
C GLU C 382 -17.47 -10.26 -7.33
N VAL C 383 -18.57 -10.43 -6.58
CA VAL C 383 -18.89 -9.48 -5.52
C VAL C 383 -17.81 -9.49 -4.44
N LYS C 384 -17.35 -10.68 -4.04
CA LYS C 384 -16.38 -10.75 -2.96
C LYS C 384 -15.02 -10.23 -3.38
N ILE C 386 -14.52 -7.91 -5.64
CA ILE C 386 -14.67 -6.47 -5.73
C ILE C 386 -14.66 -5.84 -4.34
N GLN C 387 -15.34 -6.47 -3.37
CA GLN C 387 -15.39 -5.92 -2.03
C GLN C 387 -14.02 -5.95 -1.35
N ASN C 388 -13.26 -7.04 -1.56
CA ASN C 388 -11.90 -7.09 -1.02
C ASN C 388 -11.02 -6.01 -1.65
N LEU C 389 -11.17 -5.79 -2.96
CA LEU C 389 -10.43 -4.71 -3.60
C LEU C 389 -10.79 -3.35 -3.00
N GLN C 390 -12.10 -3.14 -2.74
CA GLN C 390 -12.53 -1.88 -2.15
C GLN C 390 -11.97 -1.71 -0.75
N LEU C 391 -11.92 -2.79 0.03
CA LEU C 391 -11.30 -2.71 1.36
C LEU C 391 -9.83 -2.34 1.27
N THR C 392 -9.11 -2.97 0.34
CA THR C 392 -7.69 -2.65 0.16
C THR C 392 -7.50 -1.19 -0.23
N ILE C 393 -8.35 -0.69 -1.13
CA ILE C 393 -8.26 0.72 -1.54
C ILE C 393 -8.57 1.64 -0.37
N GLU C 394 -9.61 1.33 0.40
CA GLU C 394 -9.98 2.15 1.54
C GLU C 394 -8.88 2.18 2.59
N LYS C 395 -8.06 1.12 2.66
CA LYS C 395 -6.93 1.14 3.59
C LYS C 395 -5.98 2.30 3.30
N PHE C 396 -5.95 2.79 2.06
CA PHE C 396 -5.07 3.89 1.71
C PHE C 396 -5.56 5.24 2.23
N LEU C 397 -6.82 5.32 2.65
CA LEU C 397 -7.41 6.58 3.09
C LEU C 397 -7.17 6.86 4.57
N THR C 398 -6.18 6.21 5.17
CA THR C 398 -5.91 6.41 6.59
C THR C 398 -5.49 7.85 6.85
N ARG C 399 -5.99 8.40 7.96
CA ARG C 399 -5.65 9.75 8.40
C ARG C 399 -4.91 9.74 9.72
N GLU C 400 -4.35 8.59 10.12
CA GLU C 400 -3.57 8.51 11.33
C GLU C 400 -2.23 9.21 11.13
N PRO C 401 -1.60 9.69 12.23
CA PRO C 401 -0.39 10.52 12.10
C PRO C 401 0.67 10.02 11.12
N ILE C 402 1.16 8.80 11.32
CA ILE C 402 2.23 8.29 10.47
C ILE C 402 1.68 7.59 9.23
N LYS C 403 0.48 7.03 9.31
CA LYS C 403 -0.08 6.34 8.15
C LYS C 403 -0.59 7.31 7.10
N LYS C 404 -1.14 8.47 7.50
CA LYS C 404 -1.54 9.46 6.51
C LYS C 404 -0.33 9.96 5.73
N GLU C 405 0.84 9.93 6.34
CA GLU C 405 2.05 10.28 5.63
C GLU C 405 2.65 9.11 4.84
N ILE C 406 2.41 7.85 5.25
CA ILE C 406 3.01 6.80 4.44
C ILE C 406 2.09 6.30 3.32
N ALA C 407 0.81 6.66 3.34
CA ALA C 407 -0.14 6.12 2.36
C ALA C 407 0.15 6.51 0.92
N PRO C 408 0.38 7.79 0.57
CA PRO C 408 0.63 8.11 -0.85
C PRO C 408 1.85 7.42 -1.42
N LEU C 409 2.92 7.29 -0.62
CA LEU C 409 4.10 6.55 -1.06
C LEU C 409 3.82 5.07 -1.24
N PHE C 411 0.96 3.87 -2.11
CA PHE C 411 0.21 3.84 -3.36
C PHE C 411 1.14 3.92 -4.56
N SER C 412 2.14 4.79 -4.50
CA SER C 412 3.10 4.92 -5.59
C SER C 412 3.89 3.63 -5.79
N ILE C 413 4.28 2.97 -4.69
CA ILE C 413 4.96 1.68 -4.81
C ILE C 413 4.03 0.64 -5.41
N ALA C 414 2.78 0.58 -4.95
CA ALA C 414 1.86 -0.45 -5.41
C ALA C 414 1.54 -0.31 -6.89
N THR C 415 1.38 0.93 -7.36
CA THR C 415 1.04 1.13 -8.76
C THR C 415 2.21 0.86 -9.71
N LYS C 416 3.43 0.73 -9.20
CA LYS C 416 4.60 0.47 -10.03
C LYS C 416 4.95 -1.00 -10.11
N PRO C 418 4.65 -4.76 -11.60
CA PRO C 418 4.26 -5.25 -12.93
C PRO C 418 2.93 -5.98 -12.93
N ASP C 419 2.46 -6.44 -11.77
CA ASP C 419 1.20 -7.16 -11.68
C ASP C 419 0.01 -6.21 -11.76
N ILE C 420 0.23 -4.93 -11.45
CA ILE C 420 -0.88 -4.00 -11.18
C ILE C 420 -1.91 -4.00 -12.30
N THR C 421 -1.46 -4.23 -13.55
CA THR C 421 -2.38 -4.18 -14.68
C THR C 421 -3.52 -5.16 -14.50
N ASN C 422 -3.19 -6.42 -14.16
CA ASN C 422 -4.22 -7.40 -13.87
C ASN C 422 -5.19 -6.89 -12.82
N LEU C 423 -4.66 -6.29 -11.76
CA LEU C 423 -5.52 -5.74 -10.71
C LEU C 423 -6.45 -4.70 -11.29
N TYR C 424 -5.92 -3.83 -12.16
CA TYR C 424 -6.76 -2.85 -12.82
C TYR C 424 -7.94 -3.53 -13.49
N LYS C 425 -7.67 -4.61 -14.24
CA LYS C 425 -8.76 -5.33 -14.88
C LYS C 425 -9.74 -5.86 -13.86
N LYS C 426 -9.22 -6.46 -12.78
CA LYS C 426 -10.10 -6.98 -11.74
C LYS C 426 -10.96 -5.89 -11.14
N LEU C 427 -10.51 -4.64 -11.23
CA LEU C 427 -11.24 -3.51 -10.68
C LEU C 427 -12.05 -2.76 -11.72
N PHE C 428 -11.85 -3.03 -13.02
CA PHE C 428 -12.51 -2.20 -14.02
C PHE C 428 -13.23 -2.96 -15.12
N THR C 429 -12.87 -4.21 -15.42
CA THR C 429 -13.49 -4.91 -16.53
C THR C 429 -13.88 -6.31 -16.10
N ARG C 430 -14.82 -6.90 -16.83
CA ARG C 430 -15.15 -8.31 -16.72
C ARG C 430 -14.36 -9.07 -17.77
N GLU C 431 -13.58 -10.06 -17.33
CA GLU C 431 -12.72 -10.80 -18.25
C GLU C 431 -13.55 -11.55 -19.29
N PHE C 432 -14.62 -12.19 -18.87
CA PHE C 432 -15.52 -12.88 -19.78
C PHE C 432 -16.94 -12.37 -19.57
N PRO C 433 -17.74 -12.27 -20.63
CA PRO C 433 -19.12 -11.80 -20.46
C PRO C 433 -19.96 -12.77 -19.65
N LEU C 434 -20.93 -12.22 -18.93
CA LEU C 434 -21.83 -13.04 -18.13
C LEU C 434 -22.64 -13.99 -19.01
N ASP C 435 -22.70 -15.25 -18.60
CA ASP C 435 -23.32 -16.30 -19.40
C ASP C 435 -24.83 -16.12 -19.36
N ILE C 436 -25.38 -15.48 -20.39
CA ILE C 436 -26.81 -15.23 -20.48
C ILE C 436 -27.34 -15.82 -21.78
N ASP C 437 -28.64 -16.14 -21.77
CA ASP C 437 -29.28 -16.66 -22.96
C ASP C 437 -29.36 -15.58 -24.04
N GLU C 438 -29.35 -16.02 -25.30
CA GLU C 438 -29.41 -15.08 -26.41
C GLU C 438 -30.76 -14.38 -26.51
N SER C 439 -31.77 -14.87 -25.79
CA SER C 439 -33.08 -14.22 -25.82
C SER C 439 -33.03 -12.84 -25.17
N PHE C 440 -32.11 -12.62 -24.24
CA PHE C 440 -31.99 -11.35 -23.54
C PHE C 440 -31.33 -10.27 -24.38
N ILE C 441 -30.78 -10.62 -25.53
CA ILE C 441 -30.10 -9.64 -26.39
C ILE C 441 -31.15 -8.80 -27.11
N PHE C 442 -30.97 -7.48 -27.09
CA PHE C 442 -31.88 -6.57 -27.75
C PHE C 442 -31.47 -6.35 -29.19
N HIS C 443 -32.45 -6.18 -30.07
CA HIS C 443 -32.18 -5.98 -31.49
C HIS C 443 -32.81 -4.68 -31.99
#